data_1GXR
#
_entry.id   1GXR
#
_cell.length_a   62.407
_cell.length_b   56.656
_cell.length_c   102.034
_cell.angle_alpha   90.00
_cell.angle_beta   102.29
_cell.angle_gamma   90.00
#
_symmetry.space_group_name_H-M   'P 1 21 1'
#
loop_
_entity.id
_entity.type
_entity.pdbx_description
1 polymer 'TRANSDUCIN-LIKE ENHANCER PROTEIN 1'
2 non-polymer 'CALCIUM ION'
3 water water
#
_entity_poly.entity_id   1
_entity_poly.type   'polypeptide(L)'
_entity_poly.pdbx_seq_one_letter_code
;DYFQGAMGSKPAYSFHVTADGQMQPVPFPPDALIGPGIPRHARQINTLNHGEVVCAVTISNPTRHVYTGGKGCVKVWDIS
HPGNKSPVSQLDCLNRDNYIRSCKLLPDGCTLIVGGEASTLSIWDLAAPTPRIKAELTSSAPACYALAISPDSKVCFSCC
SDGNIAVWDLHNQTLVRQFQGHTDGASCIDISNDGTKLWTGGLDNTVRSWDLREGRQLQQHDFTSQIFSLGYCPTGEWLA
VGMESSNVEVLHVNKPDKYQLHLHESCVLSLKFAYCGKWFVSTGKDNLLNAWRTPYGASIFQSKESSSVLSCDISVDDKY
IVTGSGDKKATVYEVIY
;
_entity_poly.pdbx_strand_id   A,B
#
# COMPACT_ATOMS: atom_id res chain seq x y z
N ASP A 1 -15.45 -5.10 -4.38
CA ASP A 1 -16.37 -4.42 -3.41
C ASP A 1 -16.13 -4.92 -1.99
N TYR A 2 -15.89 -6.22 -1.87
CA TYR A 2 -15.64 -6.83 -0.57
C TYR A 2 -14.41 -6.17 0.07
N PHE A 3 -13.33 -6.08 -0.70
CA PHE A 3 -12.10 -5.45 -0.23
C PHE A 3 -11.80 -4.20 -1.06
N GLN A 4 -11.32 -3.15 -0.39
CA GLN A 4 -11.00 -1.91 -1.08
C GLN A 4 -9.50 -1.64 -1.00
N GLY A 5 -8.94 -1.06 -2.06
CA GLY A 5 -7.53 -0.76 -2.06
C GLY A 5 -7.19 0.33 -1.06
N ALA A 6 -5.98 0.25 -0.52
CA ALA A 6 -5.48 1.25 0.44
C ALA A 6 -4.01 1.39 0.11
N MET A 7 -3.57 2.60 -0.23
CA MET A 7 -2.18 2.80 -0.59
C MET A 7 -1.21 2.78 0.57
N GLY A 8 -0.05 2.17 0.31
CA GLY A 8 1.00 2.09 1.32
C GLY A 8 2.28 2.65 0.72
N SER A 9 3.32 2.73 1.52
CA SER A 9 4.61 3.24 1.07
C SER A 9 5.74 2.51 1.75
N LYS A 10 6.90 2.51 1.11
CA LYS A 10 8.09 1.83 1.63
C LYS A 10 9.33 2.58 1.16
N PRO A 11 10.47 2.42 1.88
CA PRO A 11 11.67 3.10 1.43
C PRO A 11 11.93 2.52 0.04
N ALA A 12 12.50 3.29 -0.87
CA ALA A 12 12.76 2.82 -2.23
C ALA A 12 13.26 1.37 -2.27
N TYR A 13 12.58 0.53 -3.06
CA TYR A 13 12.92 -0.89 -3.18
C TYR A 13 13.08 -1.34 -4.63
N SER A 14 12.68 -0.47 -5.57
CA SER A 14 12.77 -0.75 -7.00
C SER A 14 13.76 0.23 -7.61
N PHE A 15 14.82 -0.29 -8.22
CA PHE A 15 15.84 0.56 -8.84
C PHE A 15 16.13 0.19 -10.29
N HIS A 16 16.51 1.20 -11.07
CA HIS A 16 16.85 0.99 -12.47
C HIS A 16 18.36 1.12 -12.54
N VAL A 17 19.03 0.10 -13.08
CA VAL A 17 20.48 0.10 -13.20
C VAL A 17 20.89 0.29 -14.66
N THR A 18 21.58 1.39 -14.92
CA THR A 18 22.04 1.73 -16.26
C THR A 18 23.22 0.86 -16.70
N ALA A 19 23.66 1.07 -17.94
CA ALA A 19 24.78 0.32 -18.49
C ALA A 19 25.97 0.34 -17.53
N ASP A 20 26.32 1.54 -17.06
CA ASP A 20 27.42 1.70 -16.13
C ASP A 20 26.92 1.49 -14.71
N GLY A 21 27.84 1.39 -13.76
CA GLY A 21 27.44 1.20 -12.37
C GLY A 21 26.69 2.42 -11.87
N GLN A 22 25.36 2.38 -11.95
CA GLN A 22 24.55 3.50 -11.50
C GLN A 22 23.11 3.07 -11.20
N MET A 23 22.75 3.10 -9.92
CA MET A 23 21.41 2.73 -9.49
C MET A 23 20.58 3.96 -9.20
N GLN A 24 19.32 3.95 -9.61
CA GLN A 24 18.43 5.07 -9.39
C GLN A 24 16.99 4.60 -9.15
N PRO A 25 16.34 5.10 -8.10
CA PRO A 25 14.97 4.71 -7.79
C PRO A 25 14.05 4.93 -8.98
N VAL A 26 13.14 3.99 -9.21
CA VAL A 26 12.22 4.05 -10.32
C VAL A 26 10.98 4.89 -10.06
N PRO A 27 10.65 5.82 -10.99
CA PRO A 27 9.48 6.70 -10.91
C PRO A 27 8.31 5.90 -11.49
N PHE A 28 7.43 5.40 -10.62
CA PHE A 28 6.30 4.59 -11.06
C PHE A 28 5.27 5.30 -11.94
N PRO A 29 4.97 4.72 -13.11
CA PRO A 29 4.00 5.27 -14.06
C PRO A 29 2.61 5.19 -13.42
N PRO A 30 1.64 5.94 -13.98
CA PRO A 30 0.26 5.96 -13.48
C PRO A 30 -0.40 4.59 -13.37
N ASP A 31 -0.01 3.66 -14.24
CA ASP A 31 -0.60 2.33 -14.23
C ASP A 31 0.33 1.30 -13.60
N ALA A 32 1.19 1.74 -12.70
CA ALA A 32 2.12 0.82 -12.05
C ALA A 32 1.45 -0.09 -11.03
N LEU A 33 0.54 0.47 -10.24
CA LEU A 33 -0.13 -0.29 -9.18
C LEU A 33 -1.62 -0.49 -9.41
N ILE A 34 -2.12 0.03 -10.51
CA ILE A 34 -3.55 -0.09 -10.82
C ILE A 34 -3.77 -0.04 -12.32
N GLY A 35 -4.76 -0.78 -12.80
CA GLY A 35 -5.04 -0.79 -14.21
C GLY A 35 -5.61 -2.09 -14.72
N PRO A 36 -6.01 -2.13 -16.00
CA PRO A 36 -6.56 -3.34 -16.61
C PRO A 36 -5.59 -4.51 -16.54
N GLY A 37 -6.04 -5.61 -15.96
CA GLY A 37 -5.20 -6.79 -15.86
C GLY A 37 -4.30 -6.77 -14.65
N ILE A 38 -4.38 -5.71 -13.86
CA ILE A 38 -3.54 -5.63 -12.66
C ILE A 38 -4.34 -6.03 -11.43
N PRO A 39 -3.86 -7.02 -10.69
CA PRO A 39 -4.55 -7.48 -9.49
C PRO A 39 -4.75 -6.39 -8.43
N ARG A 40 -5.85 -6.47 -7.69
CA ARG A 40 -6.09 -5.52 -6.62
C ARG A 40 -5.61 -6.17 -5.32
N HIS A 41 -5.75 -7.49 -5.23
CA HIS A 41 -5.29 -8.22 -4.05
C HIS A 41 -5.49 -9.73 -4.28
N ALA A 42 -5.03 -10.55 -3.35
CA ALA A 42 -5.16 -11.99 -3.47
C ALA A 42 -5.78 -12.55 -2.20
N ARG A 43 -6.76 -13.43 -2.37
CA ARG A 43 -7.44 -14.01 -1.22
C ARG A 43 -7.13 -15.49 -1.08
N GLN A 44 -6.77 -15.92 0.12
CA GLN A 44 -6.49 -17.33 0.35
C GLN A 44 -7.83 -18.06 0.33
N ILE A 45 -7.94 -19.12 -0.46
CA ILE A 45 -9.20 -19.88 -0.52
C ILE A 45 -9.09 -21.36 -0.16
N ASN A 46 -7.87 -21.90 -0.14
CA ASN A 46 -7.66 -23.31 0.18
C ASN A 46 -6.27 -23.59 0.74
N THR A 47 -6.19 -24.63 1.56
CA THR A 47 -4.91 -25.08 2.11
C THR A 47 -4.90 -26.58 1.82
N LEU A 48 -3.84 -27.05 1.17
CA LEU A 48 -3.71 -28.46 0.80
C LEU A 48 -2.67 -29.11 1.72
N ASN A 49 -3.15 -29.90 2.68
CA ASN A 49 -2.28 -30.54 3.66
C ASN A 49 -1.46 -31.74 3.19
N HIS A 50 -0.44 -31.48 2.36
CA HIS A 50 0.40 -32.54 1.83
C HIS A 50 1.11 -33.34 2.91
N GLY A 51 1.62 -32.65 3.93
CA GLY A 51 2.31 -33.34 5.00
C GLY A 51 3.81 -33.44 4.85
N GLU A 52 4.33 -32.95 3.73
CA GLU A 52 5.76 -32.93 3.50
C GLU A 52 6.01 -31.57 2.85
N VAL A 53 7.26 -31.09 2.90
CA VAL A 53 7.58 -29.80 2.30
C VAL A 53 7.21 -29.87 0.82
N VAL A 54 6.50 -28.85 0.34
CA VAL A 54 6.06 -28.83 -1.06
C VAL A 54 7.02 -28.02 -1.93
N CYS A 55 7.92 -28.74 -2.59
CA CYS A 55 8.95 -28.18 -3.44
C CYS A 55 8.49 -27.90 -4.86
N ALA A 56 7.30 -28.39 -5.20
CA ALA A 56 6.79 -28.18 -6.56
C ALA A 56 5.27 -28.14 -6.55
N VAL A 57 4.69 -27.24 -7.36
CA VAL A 57 3.24 -27.15 -7.43
C VAL A 57 2.82 -26.80 -8.85
N THR A 58 1.72 -27.39 -9.29
CA THR A 58 1.23 -27.10 -10.64
C THR A 58 -0.30 -27.10 -10.58
N ILE A 59 -0.92 -26.33 -11.47
CA ILE A 59 -2.39 -26.25 -11.50
C ILE A 59 -2.88 -26.73 -12.87
N SER A 60 -4.00 -27.44 -12.87
CA SER A 60 -4.56 -27.96 -14.11
C SER A 60 -5.24 -26.89 -14.96
N ASN A 61 -5.52 -27.25 -16.22
CA ASN A 61 -6.21 -26.38 -17.16
C ASN A 61 -7.24 -27.26 -17.87
N PRO A 62 -8.55 -27.02 -17.65
CA PRO A 62 -9.11 -25.99 -16.79
C PRO A 62 -8.71 -26.17 -15.33
N THR A 63 -8.80 -25.11 -14.56
CA THR A 63 -8.44 -25.16 -13.16
C THR A 63 -9.48 -25.93 -12.38
N ARG A 64 -9.06 -27.02 -11.76
CA ARG A 64 -9.94 -27.83 -10.94
C ARG A 64 -9.07 -28.71 -10.05
N HIS A 65 -7.91 -29.10 -10.55
CA HIS A 65 -7.01 -29.92 -9.74
C HIS A 65 -5.68 -29.23 -9.53
N VAL A 66 -5.08 -29.44 -8.36
CA VAL A 66 -3.77 -28.88 -8.05
C VAL A 66 -2.86 -30.06 -7.74
N TYR A 67 -1.64 -30.01 -8.27
CA TYR A 67 -0.66 -31.06 -8.04
C TYR A 67 0.43 -30.56 -7.09
N THR A 68 0.66 -31.28 -6.00
CA THR A 68 1.71 -30.86 -5.08
C THR A 68 2.77 -31.94 -4.98
N GLY A 69 4.03 -31.54 -5.14
CA GLY A 69 5.13 -32.48 -5.08
C GLY A 69 5.83 -32.40 -3.75
N GLY A 70 5.87 -33.52 -3.04
CA GLY A 70 6.51 -33.56 -1.74
C GLY A 70 7.65 -34.54 -1.71
N LYS A 71 7.61 -35.46 -0.75
CA LYS A 71 8.66 -36.44 -0.63
C LYS A 71 8.19 -37.77 -1.21
N GLY A 72 8.78 -38.14 -2.34
CA GLY A 72 8.44 -39.39 -2.98
C GLY A 72 7.18 -39.39 -3.84
N CYS A 73 6.22 -38.53 -3.53
CA CYS A 73 4.99 -38.53 -4.31
C CYS A 73 4.42 -37.17 -4.66
N VAL A 74 3.50 -37.19 -5.61
CA VAL A 74 2.79 -36.00 -6.03
C VAL A 74 1.34 -36.27 -5.61
N LYS A 75 0.73 -35.34 -4.89
CA LYS A 75 -0.65 -35.50 -4.49
C LYS A 75 -1.53 -34.65 -5.40
N VAL A 76 -2.73 -35.15 -5.70
CA VAL A 76 -3.65 -34.43 -6.57
C VAL A 76 -4.87 -34.00 -5.76
N TRP A 77 -5.17 -32.71 -5.81
CA TRP A 77 -6.27 -32.16 -5.04
C TRP A 77 -7.35 -31.57 -5.92
N ASP A 78 -8.61 -31.89 -5.59
CA ASP A 78 -9.71 -31.34 -6.36
C ASP A 78 -10.17 -30.08 -5.65
N ILE A 79 -9.73 -28.91 -6.13
CA ILE A 79 -10.11 -27.68 -5.48
C ILE A 79 -11.47 -27.14 -5.93
N SER A 80 -12.14 -27.87 -6.83
CA SER A 80 -13.45 -27.46 -7.29
C SER A 80 -14.48 -27.96 -6.28
N HIS A 81 -13.99 -28.74 -5.32
CA HIS A 81 -14.83 -29.29 -4.25
C HIS A 81 -14.25 -28.78 -2.92
N PRO A 82 -14.68 -27.58 -2.49
CA PRO A 82 -14.25 -26.92 -1.26
C PRO A 82 -14.15 -27.81 -0.01
N GLY A 83 -15.11 -28.71 0.16
CA GLY A 83 -15.11 -29.59 1.31
C GLY A 83 -13.98 -30.59 1.41
N ASN A 84 -13.32 -30.88 0.29
CA ASN A 84 -12.22 -31.84 0.27
C ASN A 84 -11.07 -31.47 1.20
N LYS A 85 -10.63 -32.44 1.98
CA LYS A 85 -9.52 -32.25 2.89
C LYS A 85 -8.38 -33.20 2.56
N SER A 86 -8.64 -34.17 1.68
CA SER A 86 -7.61 -35.13 1.29
C SER A 86 -7.46 -35.19 -0.23
N PRO A 87 -6.32 -35.71 -0.70
CA PRO A 87 -6.10 -35.79 -2.16
C PRO A 87 -7.07 -36.78 -2.81
N VAL A 88 -7.33 -36.57 -4.09
CA VAL A 88 -8.19 -37.47 -4.84
C VAL A 88 -7.34 -38.54 -5.52
N SER A 89 -6.05 -38.26 -5.61
CA SER A 89 -5.10 -39.21 -6.20
C SER A 89 -3.71 -38.97 -5.63
N GLN A 90 -2.86 -39.99 -5.70
CA GLN A 90 -1.49 -39.90 -5.22
C GLN A 90 -0.57 -40.63 -6.18
N LEU A 91 0.38 -39.92 -6.77
CA LEU A 91 1.31 -40.52 -7.72
C LEU A 91 2.67 -40.81 -7.08
N ASP A 92 3.00 -42.08 -6.89
CA ASP A 92 4.30 -42.41 -6.31
C ASP A 92 5.33 -42.39 -7.42
N CYS A 93 6.24 -41.42 -7.35
CA CYS A 93 7.26 -41.24 -8.40
C CYS A 93 8.68 -41.61 -8.03
N LEU A 94 9.09 -41.29 -6.81
CA LEU A 94 10.46 -41.57 -6.39
C LEU A 94 10.53 -42.22 -5.02
N ASN A 95 11.74 -42.46 -4.55
CA ASN A 95 11.96 -43.06 -3.25
C ASN A 95 11.26 -42.19 -2.21
N ARG A 96 10.63 -42.83 -1.24
CA ARG A 96 9.91 -42.13 -0.17
C ARG A 96 10.78 -41.13 0.57
N ASP A 97 12.09 -41.22 0.39
CA ASP A 97 13.02 -40.33 1.07
C ASP A 97 13.47 -39.18 0.17
N ASN A 98 13.26 -39.32 -1.14
CA ASN A 98 13.66 -38.29 -2.10
C ASN A 98 12.55 -37.30 -2.40
N TYR A 99 12.92 -36.03 -2.56
CA TYR A 99 11.95 -34.99 -2.85
C TYR A 99 11.69 -34.72 -4.32
N ILE A 100 10.45 -34.37 -4.63
CA ILE A 100 10.04 -34.02 -5.98
C ILE A 100 10.49 -32.58 -6.11
N ARG A 101 11.08 -32.22 -7.25
CA ARG A 101 11.54 -30.86 -7.45
C ARG A 101 10.78 -30.11 -8.53
N SER A 102 10.13 -30.84 -9.43
CA SER A 102 9.41 -30.20 -10.51
C SER A 102 8.34 -31.13 -11.10
N CYS A 103 7.21 -30.56 -11.46
CA CYS A 103 6.16 -31.34 -12.10
C CYS A 103 5.48 -30.41 -13.10
N LYS A 104 5.42 -30.84 -14.34
CA LYS A 104 4.84 -30.02 -15.39
C LYS A 104 3.79 -30.75 -16.21
N LEU A 105 2.69 -30.05 -16.49
CA LEU A 105 1.61 -30.61 -17.30
C LEU A 105 1.83 -30.25 -18.76
N LEU A 106 1.51 -31.18 -19.65
CA LEU A 106 1.64 -30.91 -21.08
C LEU A 106 0.52 -29.93 -21.43
N PRO A 107 0.71 -29.13 -22.48
CA PRO A 107 -0.26 -28.13 -22.96
C PRO A 107 -1.72 -28.59 -23.01
N ASP A 108 -1.93 -29.84 -23.39
CA ASP A 108 -3.29 -30.37 -23.49
C ASP A 108 -3.85 -30.81 -22.13
N GLY A 109 -2.96 -31.08 -21.18
CA GLY A 109 -3.41 -31.48 -19.85
C GLY A 109 -3.72 -32.96 -19.67
N CYS A 110 -3.16 -33.80 -20.53
CA CYS A 110 -3.40 -35.23 -20.45
C CYS A 110 -2.18 -35.96 -19.90
N THR A 111 -1.10 -35.22 -19.69
CA THR A 111 0.13 -35.83 -19.20
C THR A 111 0.88 -34.94 -18.22
N LEU A 112 1.51 -35.57 -17.22
CA LEU A 112 2.27 -34.88 -16.21
C LEU A 112 3.68 -35.47 -16.17
N ILE A 113 4.69 -34.61 -16.17
CA ILE A 113 6.08 -35.07 -16.10
C ILE A 113 6.63 -34.66 -14.74
N VAL A 114 7.20 -35.63 -14.04
CA VAL A 114 7.73 -35.39 -12.70
C VAL A 114 9.21 -35.68 -12.57
N GLY A 115 9.94 -34.72 -12.01
CA GLY A 115 11.37 -34.89 -11.82
C GLY A 115 11.73 -34.51 -10.40
N GLY A 116 12.84 -35.06 -9.90
CA GLY A 116 13.25 -34.73 -8.55
C GLY A 116 14.62 -35.32 -8.21
N GLU A 117 14.85 -35.54 -6.93
CA GLU A 117 16.11 -36.08 -6.46
C GLU A 117 16.25 -37.56 -6.80
N ALA A 118 16.35 -37.82 -8.10
CA ALA A 118 16.50 -39.18 -8.61
C ALA A 118 16.91 -39.07 -10.08
N SER A 119 17.42 -40.16 -10.63
CA SER A 119 17.87 -40.17 -12.02
C SER A 119 16.75 -40.44 -13.03
N THR A 120 15.53 -40.62 -12.55
CA THR A 120 14.43 -40.90 -13.46
C THR A 120 13.31 -39.87 -13.44
N LEU A 121 12.81 -39.57 -14.62
CA LEU A 121 11.69 -38.63 -14.76
C LEU A 121 10.49 -39.50 -15.11
N SER A 122 9.41 -39.36 -14.37
CA SER A 122 8.22 -40.16 -14.65
C SER A 122 7.19 -39.37 -15.45
N ILE A 123 6.62 -40.05 -16.44
CA ILE A 123 5.60 -39.47 -17.32
C ILE A 123 4.28 -40.15 -16.99
N TRP A 124 3.32 -39.39 -16.50
CA TRP A 124 2.01 -39.92 -16.11
C TRP A 124 0.88 -39.58 -17.05
N ASP A 125 0.04 -40.58 -17.33
CA ASP A 125 -1.12 -40.41 -18.20
C ASP A 125 -2.29 -40.01 -17.31
N LEU A 126 -2.81 -38.81 -17.52
CA LEU A 126 -3.92 -38.31 -16.71
C LEU A 126 -5.28 -38.48 -17.40
N ALA A 127 -5.41 -39.50 -18.23
CA ALA A 127 -6.66 -39.76 -18.94
C ALA A 127 -7.48 -40.81 -18.21
N ALA A 128 -8.80 -40.74 -18.37
CA ALA A 128 -9.71 -41.70 -17.72
C ALA A 128 -9.37 -43.12 -18.14
N PRO A 131 -4.87 -41.84 -12.93
CA PRO A 131 -3.50 -41.54 -13.38
C PRO A 131 -2.60 -42.77 -13.29
N ARG A 132 -1.89 -43.06 -14.38
CA ARG A 132 -1.00 -44.22 -14.41
C ARG A 132 0.34 -43.84 -15.05
N ILE A 133 1.40 -44.53 -14.62
CA ILE A 133 2.73 -44.28 -15.17
C ILE A 133 2.78 -44.71 -16.63
N LYS A 134 2.96 -43.74 -17.51
CA LYS A 134 2.99 -44.00 -18.95
C LYS A 134 4.39 -44.43 -19.43
N ALA A 135 5.41 -43.78 -18.90
CA ALA A 135 6.78 -44.09 -19.27
C ALA A 135 7.77 -43.43 -18.30
N GLU A 136 9.03 -43.78 -18.44
CA GLU A 136 10.08 -43.22 -17.58
C GLU A 136 11.32 -42.84 -18.38
N LEU A 137 11.92 -41.72 -18.01
CA LEU A 137 13.13 -41.24 -18.67
C LEU A 137 14.27 -41.38 -17.67
N THR A 138 15.21 -42.26 -17.97
CA THR A 138 16.33 -42.48 -17.07
C THR A 138 17.59 -41.78 -17.56
N SER A 139 18.09 -40.85 -16.75
CA SER A 139 19.30 -40.11 -17.09
C SER A 139 20.46 -40.59 -16.24
N SER A 140 21.67 -40.15 -16.59
CA SER A 140 22.84 -40.51 -15.83
C SER A 140 23.12 -39.45 -14.76
N ALA A 141 22.35 -38.37 -14.78
CA ALA A 141 22.51 -37.32 -13.77
C ALA A 141 21.79 -37.78 -12.51
N PRO A 142 22.37 -37.51 -11.33
CA PRO A 142 21.72 -37.94 -10.09
C PRO A 142 20.38 -37.30 -9.75
N ALA A 143 20.15 -36.08 -10.23
CA ALA A 143 18.88 -35.42 -9.92
C ALA A 143 18.47 -34.36 -10.92
N CYS A 144 17.18 -34.06 -10.89
CA CYS A 144 16.57 -33.05 -11.74
C CYS A 144 16.07 -31.94 -10.82
N TYR A 145 16.40 -30.69 -11.15
CA TYR A 145 15.99 -29.55 -10.32
C TYR A 145 14.86 -28.73 -10.92
N ALA A 146 14.63 -28.87 -12.22
CA ALA A 146 13.57 -28.11 -12.90
C ALA A 146 13.29 -28.70 -14.27
N LEU A 147 12.07 -28.49 -14.76
CA LEU A 147 11.64 -28.98 -16.06
C LEU A 147 10.93 -27.90 -16.86
N ALA A 148 10.98 -28.03 -18.18
CA ALA A 148 10.29 -27.13 -19.10
C ALA A 148 9.83 -27.96 -20.28
N ILE A 149 8.63 -27.67 -20.78
CA ILE A 149 8.08 -28.40 -21.92
C ILE A 149 8.05 -27.47 -23.13
N SER A 150 8.46 -27.98 -24.28
CA SER A 150 8.48 -27.19 -25.51
C SER A 150 7.06 -26.80 -25.90
N PRO A 151 6.90 -25.66 -26.58
CA PRO A 151 5.58 -25.18 -27.01
C PRO A 151 4.77 -26.22 -27.80
N ASP A 152 5.46 -27.04 -28.59
CA ASP A 152 4.79 -28.07 -29.38
C ASP A 152 4.58 -29.38 -28.63
N SER A 153 4.95 -29.39 -27.35
CA SER A 153 4.78 -30.56 -26.51
C SER A 153 5.58 -31.79 -26.92
N LYS A 154 6.55 -31.62 -27.81
CA LYS A 154 7.33 -32.76 -28.27
C LYS A 154 8.63 -33.01 -27.51
N VAL A 155 9.12 -32.00 -26.80
CA VAL A 155 10.37 -32.13 -26.07
C VAL A 155 10.27 -31.65 -24.62
N CYS A 156 11.04 -32.28 -23.73
CA CYS A 156 11.07 -31.90 -22.33
C CYS A 156 12.53 -31.55 -22.00
N PHE A 157 12.74 -30.40 -21.39
CA PHE A 157 14.07 -29.97 -21.00
C PHE A 157 14.18 -30.23 -19.49
N SER A 158 15.29 -30.83 -19.08
CA SER A 158 15.50 -31.13 -17.68
C SER A 158 16.80 -30.51 -17.17
N CYS A 159 16.70 -29.75 -16.09
CA CYS A 159 17.87 -29.12 -15.48
C CYS A 159 18.50 -30.14 -14.56
N CYS A 160 19.70 -30.60 -14.91
CA CYS A 160 20.39 -31.61 -14.09
C CYS A 160 21.26 -31.05 -12.97
N SER A 161 21.43 -31.86 -11.94
CA SER A 161 22.24 -31.47 -10.79
C SER A 161 23.71 -31.29 -11.14
N ASP A 162 24.14 -31.82 -12.29
CA ASP A 162 25.53 -31.69 -12.73
C ASP A 162 25.71 -30.45 -13.59
N GLY A 163 24.63 -29.69 -13.77
CA GLY A 163 24.70 -28.48 -14.56
C GLY A 163 24.24 -28.60 -16.00
N ASN A 164 24.18 -29.82 -16.51
CA ASN A 164 23.76 -30.02 -17.91
C ASN A 164 22.25 -29.87 -18.09
N ILE A 165 21.84 -29.48 -19.29
CA ILE A 165 20.43 -29.35 -19.60
C ILE A 165 20.13 -30.48 -20.59
N ALA A 166 19.31 -31.43 -20.15
CA ALA A 166 18.95 -32.57 -20.96
C ALA A 166 17.74 -32.25 -21.84
N VAL A 167 17.80 -32.68 -23.10
CA VAL A 167 16.70 -32.48 -24.04
C VAL A 167 16.13 -33.84 -24.38
N TRP A 168 14.92 -34.11 -23.90
CA TRP A 168 14.25 -35.40 -24.14
C TRP A 168 13.16 -35.40 -25.19
N ASP A 169 13.23 -36.39 -26.07
CA ASP A 169 12.23 -36.59 -27.12
C ASP A 169 11.18 -37.48 -26.46
N LEU A 170 10.07 -36.88 -26.05
CA LEU A 170 9.01 -37.60 -25.37
C LEU A 170 8.44 -38.78 -26.13
N HIS A 171 8.38 -38.66 -27.46
CA HIS A 171 7.85 -39.72 -28.31
C HIS A 171 8.56 -41.06 -28.15
N ASN A 172 9.89 -41.04 -28.22
CA ASN A 172 10.66 -42.28 -28.10
C ASN A 172 11.53 -42.34 -26.85
N GLN A 173 11.23 -41.51 -25.87
CA GLN A 173 11.99 -41.47 -24.62
C GLN A 173 13.49 -41.53 -24.83
N THR A 174 14.00 -40.68 -25.72
CA THR A 174 15.42 -40.66 -26.00
C THR A 174 16.00 -39.27 -25.76
N LEU A 175 17.24 -39.23 -25.26
CA LEU A 175 17.93 -37.97 -25.00
C LEU A 175 18.55 -37.55 -26.32
N VAL A 176 17.96 -36.54 -26.96
CA VAL A 176 18.45 -36.08 -28.26
C VAL A 176 19.57 -35.06 -28.19
N ARG A 177 19.66 -34.33 -27.08
CA ARG A 177 20.72 -33.32 -26.95
C ARG A 177 20.99 -32.98 -25.49
N GLN A 178 22.16 -32.40 -25.26
CA GLN A 178 22.54 -32.01 -23.91
C GLN A 178 23.32 -30.71 -23.97
N PHE A 179 22.78 -29.68 -23.34
CA PHE A 179 23.39 -28.36 -23.31
C PHE A 179 24.37 -28.27 -22.14
N GLN A 180 25.67 -28.25 -22.45
CA GLN A 180 26.69 -28.17 -21.41
C GLN A 180 27.21 -26.75 -21.27
N GLY A 181 27.39 -26.33 -20.01
CA GLY A 181 27.89 -24.99 -19.72
C GLY A 181 27.94 -24.73 -18.23
N HIS A 182 26.80 -24.84 -17.56
CA HIS A 182 26.75 -24.62 -16.11
C HIS A 182 27.76 -25.51 -15.40
N THR A 183 28.58 -24.92 -14.54
CA THR A 183 29.59 -25.67 -13.80
C THR A 183 29.05 -26.24 -12.49
N ASP A 184 27.81 -25.88 -12.17
CA ASP A 184 27.17 -26.39 -10.96
C ASP A 184 25.73 -26.66 -11.40
N GLY A 185 24.95 -27.29 -10.54
CA GLY A 185 23.58 -27.64 -10.90
C GLY A 185 22.75 -26.54 -11.54
N ALA A 186 21.95 -26.91 -12.53
CA ALA A 186 21.06 -25.96 -13.18
C ALA A 186 19.82 -25.99 -12.30
N SER A 187 19.40 -24.82 -11.82
CA SER A 187 18.29 -24.73 -10.89
C SER A 187 16.95 -24.28 -11.44
N CYS A 188 16.95 -23.64 -12.60
CA CYS A 188 15.70 -23.14 -13.13
C CYS A 188 15.78 -22.97 -14.64
N ILE A 189 14.63 -22.81 -15.27
CA ILE A 189 14.61 -22.73 -16.72
C ILE A 189 13.28 -22.17 -17.23
N ASP A 190 13.32 -21.62 -18.44
CA ASP A 190 12.13 -21.11 -19.11
C ASP A 190 12.47 -20.95 -20.58
N ILE A 191 11.44 -20.81 -21.41
CA ILE A 191 11.63 -20.66 -22.84
C ILE A 191 11.17 -19.27 -23.27
N SER A 192 11.89 -18.66 -24.20
CA SER A 192 11.54 -17.33 -24.69
C SER A 192 10.12 -17.35 -25.27
N ASN A 193 9.51 -16.18 -25.39
CA ASN A 193 8.15 -16.09 -25.92
C ASN A 193 8.03 -16.55 -27.37
N ASP A 194 9.10 -16.42 -28.14
CA ASP A 194 9.07 -16.85 -29.53
C ASP A 194 9.39 -18.35 -29.64
N GLY A 195 9.75 -18.94 -28.50
CA GLY A 195 10.04 -20.37 -28.45
C GLY A 195 11.33 -20.83 -29.13
N THR A 196 12.18 -19.88 -29.49
CA THR A 196 13.43 -20.22 -30.16
C THR A 196 14.62 -20.20 -29.21
N LYS A 197 14.42 -19.64 -28.02
CA LYS A 197 15.51 -19.57 -27.07
C LYS A 197 15.18 -20.18 -25.72
N LEU A 198 16.21 -20.68 -25.06
CA LEU A 198 16.05 -21.28 -23.74
C LEU A 198 16.90 -20.46 -22.79
N TRP A 199 16.40 -20.28 -21.57
CA TRP A 199 17.14 -19.54 -20.56
C TRP A 199 17.24 -20.40 -19.32
N THR A 200 18.43 -20.53 -18.77
CA THR A 200 18.61 -21.33 -17.57
C THR A 200 19.39 -20.56 -16.52
N GLY A 201 19.19 -20.93 -15.26
CA GLY A 201 19.88 -20.31 -14.16
C GLY A 201 20.63 -21.39 -13.40
N GLY A 202 21.74 -21.05 -12.78
CA GLY A 202 22.48 -22.08 -12.07
C GLY A 202 23.09 -21.74 -10.73
N LEU A 203 23.51 -22.79 -10.04
CA LEU A 203 24.15 -22.64 -8.73
C LEU A 203 25.58 -22.17 -8.94
N ASP A 204 25.94 -21.93 -10.19
CA ASP A 204 27.28 -21.44 -10.52
C ASP A 204 27.24 -19.92 -10.72
N ASN A 205 26.17 -19.29 -10.22
CA ASN A 205 25.97 -17.85 -10.28
C ASN A 205 25.81 -17.28 -11.68
N THR A 206 25.34 -18.10 -12.61
CA THR A 206 25.15 -17.61 -13.97
C THR A 206 23.78 -17.88 -14.53
N VAL A 207 23.40 -17.04 -15.49
CA VAL A 207 22.15 -17.19 -16.22
C VAL A 207 22.65 -17.32 -17.64
N ARG A 208 22.17 -18.34 -18.35
CA ARG A 208 22.61 -18.56 -19.73
C ARG A 208 21.44 -18.70 -20.69
N SER A 209 21.62 -18.17 -21.89
CA SER A 209 20.59 -18.29 -22.93
C SER A 209 21.13 -19.27 -23.96
N TRP A 210 20.25 -20.08 -24.53
CA TRP A 210 20.67 -21.07 -25.51
C TRP A 210 19.81 -21.01 -26.75
N ASP A 211 20.41 -21.28 -27.91
CA ASP A 211 19.66 -21.30 -29.16
C ASP A 211 19.17 -22.74 -29.34
N LEU A 212 17.85 -22.93 -29.40
CA LEU A 212 17.29 -24.28 -29.56
C LEU A 212 17.42 -24.88 -30.95
N ARG A 213 17.40 -24.05 -31.99
CA ARG A 213 17.50 -24.56 -33.36
C ARG A 213 18.95 -24.83 -33.76
N GLU A 214 19.88 -24.54 -32.86
CA GLU A 214 21.29 -24.77 -33.14
C GLU A 214 21.96 -25.58 -32.03
N GLY A 215 21.59 -25.28 -30.78
CA GLY A 215 22.15 -26.00 -29.66
C GLY A 215 23.48 -25.43 -29.18
N ARG A 216 23.52 -24.12 -28.97
CA ARG A 216 24.73 -23.45 -28.50
C ARG A 216 24.38 -22.32 -27.56
N GLN A 217 25.28 -22.00 -26.64
CA GLN A 217 25.05 -20.91 -25.69
C GLN A 217 25.20 -19.58 -26.39
N LEU A 218 24.24 -18.68 -26.15
CA LEU A 218 24.26 -17.35 -26.78
C LEU A 218 24.79 -16.27 -25.85
N GLN A 219 24.19 -16.16 -24.66
CA GLN A 219 24.58 -15.16 -23.68
C GLN A 219 24.89 -15.80 -22.33
N GLN A 220 25.58 -15.05 -21.48
CA GLN A 220 25.91 -15.52 -20.15
C GLN A 220 26.02 -14.32 -19.23
N HIS A 221 25.21 -14.34 -18.17
CA HIS A 221 25.20 -13.27 -17.18
C HIS A 221 25.75 -13.81 -15.88
N ASP A 222 26.78 -13.17 -15.36
CA ASP A 222 27.41 -13.60 -14.12
C ASP A 222 26.97 -12.73 -12.95
N PHE A 223 26.53 -13.36 -11.87
CA PHE A 223 26.08 -12.63 -10.69
C PHE A 223 26.94 -12.94 -9.46
N THR A 224 26.71 -12.17 -8.39
CA THR A 224 27.45 -12.34 -7.14
C THR A 224 26.91 -13.45 -6.24
N SER A 225 25.75 -13.99 -6.57
CA SER A 225 25.17 -15.08 -5.78
C SER A 225 24.50 -16.10 -6.70
N GLN A 226 24.09 -17.22 -6.11
CA GLN A 226 23.46 -18.29 -6.87
C GLN A 226 22.07 -17.90 -7.35
N ILE A 227 21.66 -18.47 -8.48
CA ILE A 227 20.35 -18.22 -9.04
C ILE A 227 19.48 -19.40 -8.69
N PHE A 228 18.30 -19.13 -8.15
CA PHE A 228 17.39 -20.21 -7.76
C PHE A 228 16.12 -20.23 -8.61
N SER A 229 15.82 -19.13 -9.28
CA SER A 229 14.59 -19.09 -10.08
C SER A 229 14.64 -18.06 -11.19
N LEU A 230 13.82 -18.26 -12.21
CA LEU A 230 13.77 -17.30 -13.30
C LEU A 230 12.49 -17.47 -14.09
N GLY A 231 12.19 -16.47 -14.90
CA GLY A 231 10.99 -16.53 -15.71
C GLY A 231 11.11 -15.56 -16.86
N TYR A 232 10.59 -15.96 -18.01
CA TYR A 232 10.63 -15.11 -19.20
C TYR A 232 9.26 -14.46 -19.35
N CYS A 233 9.23 -13.15 -19.57
CA CYS A 233 7.98 -12.44 -19.73
C CYS A 233 7.30 -12.93 -21.01
N PRO A 234 6.03 -13.37 -20.90
CA PRO A 234 5.23 -13.87 -22.02
C PRO A 234 5.16 -12.92 -23.22
N THR A 235 5.20 -11.62 -22.95
CA THR A 235 5.13 -10.63 -24.02
C THR A 235 6.53 -10.23 -24.49
N GLY A 236 7.53 -10.90 -23.93
CA GLY A 236 8.91 -10.66 -24.30
C GLY A 236 9.66 -9.56 -23.60
N GLU A 237 10.88 -9.32 -24.10
CA GLU A 237 11.76 -8.27 -23.61
C GLU A 237 12.36 -8.38 -22.22
N TRP A 238 11.67 -9.02 -21.29
CA TRP A 238 12.18 -9.10 -19.92
C TRP A 238 12.32 -10.49 -19.32
N LEU A 239 13.39 -10.68 -18.55
CA LEU A 239 13.68 -11.95 -17.86
C LEU A 239 13.85 -11.65 -16.37
N ALA A 240 13.00 -12.22 -15.53
CA ALA A 240 13.10 -12.01 -14.09
C ALA A 240 13.94 -13.13 -13.48
N VAL A 241 14.87 -12.77 -12.60
CA VAL A 241 15.76 -13.75 -11.97
C VAL A 241 15.72 -13.63 -10.45
N GLY A 242 15.50 -14.74 -9.76
CA GLY A 242 15.46 -14.76 -8.30
C GLY A 242 16.80 -15.23 -7.76
N MET A 243 17.41 -14.41 -6.89
CA MET A 243 18.73 -14.70 -6.34
C MET A 243 18.80 -15.15 -4.88
N GLU A 244 19.86 -15.87 -4.57
CA GLU A 244 20.09 -16.33 -3.21
C GLU A 244 20.35 -15.08 -2.35
N SER A 245 20.83 -14.01 -2.99
CA SER A 245 21.12 -12.75 -2.30
C SER A 245 19.87 -12.06 -1.77
N SER A 246 18.72 -12.51 -2.25
CA SER A 246 17.37 -12.01 -1.91
C SER A 246 16.86 -10.99 -2.93
N ASN A 247 17.71 -10.62 -3.87
CA ASN A 247 17.31 -9.67 -4.89
C ASN A 247 16.55 -10.36 -6.01
N VAL A 248 15.72 -9.58 -6.69
CA VAL A 248 15.03 -10.06 -7.88
C VAL A 248 15.63 -9.11 -8.91
N GLU A 249 16.13 -9.68 -9.99
CA GLU A 249 16.74 -8.91 -11.06
C GLU A 249 15.89 -9.08 -12.31
N VAL A 250 15.47 -7.98 -12.92
CA VAL A 250 14.67 -8.06 -14.14
C VAL A 250 15.57 -7.54 -15.26
N LEU A 251 16.13 -8.48 -16.02
CA LEU A 251 17.05 -8.15 -17.11
C LEU A 251 16.35 -7.82 -18.41
N HIS A 252 16.89 -6.84 -19.13
CA HIS A 252 16.32 -6.45 -20.41
C HIS A 252 17.02 -7.31 -21.45
N VAL A 253 16.29 -8.28 -22.01
CA VAL A 253 16.84 -9.19 -23.01
C VAL A 253 17.68 -8.47 -24.06
N ASN A 254 18.92 -8.93 -24.23
CA ASN A 254 19.86 -8.35 -25.19
C ASN A 254 20.36 -6.96 -24.83
N LYS A 255 19.52 -6.18 -24.14
CA LYS A 255 19.90 -4.81 -23.76
C LYS A 255 20.61 -4.74 -22.40
N PRO A 256 21.45 -3.70 -22.22
CA PRO A 256 22.21 -3.43 -21.00
C PRO A 256 21.43 -3.25 -19.70
N ASP A 257 20.60 -2.23 -19.65
CA ASP A 257 19.81 -1.90 -18.46
C ASP A 257 19.04 -3.06 -17.82
N LYS A 258 18.73 -2.90 -16.54
CA LYS A 258 17.97 -3.90 -15.79
C LYS A 258 17.36 -3.22 -14.57
N TYR A 259 16.50 -3.94 -13.88
CA TYR A 259 15.89 -3.40 -12.67
C TYR A 259 16.29 -4.33 -11.53
N GLN A 260 16.46 -3.76 -10.35
CA GLN A 260 16.81 -4.53 -9.16
C GLN A 260 15.72 -4.25 -8.13
N LEU A 261 15.10 -5.33 -7.66
CA LEU A 261 14.00 -5.25 -6.71
C LEU A 261 14.40 -5.83 -5.37
N HIS A 262 14.08 -5.09 -4.31
CA HIS A 262 14.46 -5.46 -2.95
C HIS A 262 13.30 -5.55 -1.95
N LEU A 263 12.55 -6.65 -1.97
CA LEU A 263 11.48 -6.82 -1.00
C LEU A 263 11.49 -8.21 -0.35
N HIS A 264 12.62 -8.90 -0.47
CA HIS A 264 12.79 -10.19 0.18
C HIS A 264 13.98 -10.04 1.11
N GLU A 265 13.89 -10.66 2.27
CA GLU A 265 14.97 -10.61 3.26
C GLU A 265 15.83 -11.87 3.19
N SER A 266 15.42 -12.82 2.36
CA SER A 266 16.18 -14.05 2.17
C SER A 266 16.08 -14.53 0.73
N CYS A 267 16.62 -15.71 0.44
CA CYS A 267 16.65 -16.29 -0.90
C CYS A 267 15.32 -16.26 -1.65
N VAL A 268 15.37 -15.92 -2.94
CA VAL A 268 14.16 -15.93 -3.76
C VAL A 268 14.12 -17.31 -4.40
N LEU A 269 13.29 -18.19 -3.82
CA LEU A 269 13.20 -19.57 -4.25
C LEU A 269 12.43 -19.87 -5.52
N SER A 270 11.46 -19.04 -5.85
CA SER A 270 10.68 -19.29 -7.04
C SER A 270 10.06 -18.02 -7.59
N LEU A 271 9.70 -18.05 -8.86
CA LEU A 271 9.07 -16.89 -9.46
C LEU A 271 8.31 -17.33 -10.68
N LYS A 272 7.25 -16.61 -10.98
CA LYS A 272 6.45 -16.92 -12.17
C LYS A 272 5.70 -15.70 -12.68
N PHE A 273 5.73 -15.53 -14.00
CA PHE A 273 5.02 -14.43 -14.65
C PHE A 273 3.58 -14.81 -14.86
N ALA A 274 2.70 -13.82 -14.79
CA ALA A 274 1.28 -14.03 -15.07
C ALA A 274 1.29 -14.28 -16.57
N TYR A 275 0.29 -14.99 -17.08
CA TYR A 275 0.27 -15.26 -18.51
C TYR A 275 0.12 -14.00 -19.36
N CYS A 276 -0.49 -12.94 -18.81
CA CYS A 276 -0.64 -11.69 -19.56
C CYS A 276 0.69 -10.94 -19.57
N GLY A 277 1.60 -11.37 -18.69
CA GLY A 277 2.92 -10.76 -18.60
C GLY A 277 3.02 -9.41 -17.92
N LYS A 278 1.89 -8.84 -17.53
CA LYS A 278 1.82 -7.51 -16.91
C LYS A 278 2.34 -7.49 -15.48
N TRP A 279 2.44 -8.67 -14.88
CA TRP A 279 2.94 -8.74 -13.51
C TRP A 279 3.48 -10.14 -13.28
N PHE A 280 4.17 -10.32 -12.16
CA PHE A 280 4.71 -11.62 -11.82
C PHE A 280 4.82 -11.75 -10.31
N VAL A 281 5.10 -12.96 -9.84
CA VAL A 281 5.26 -13.17 -8.41
C VAL A 281 6.59 -13.82 -8.09
N SER A 282 7.07 -13.59 -6.89
CA SER A 282 8.30 -14.22 -6.44
C SER A 282 7.99 -14.74 -5.03
N THR A 283 8.67 -15.81 -4.64
CA THR A 283 8.46 -16.36 -3.32
C THR A 283 9.81 -16.47 -2.64
N GLY A 284 9.81 -16.35 -1.32
CA GLY A 284 11.09 -16.40 -0.64
C GLY A 284 11.18 -17.24 0.61
N LYS A 285 12.42 -17.50 0.98
CA LYS A 285 12.72 -18.25 2.20
C LYS A 285 12.25 -17.41 3.39
N ASP A 286 11.99 -16.12 3.15
CA ASP A 286 11.52 -15.21 4.20
C ASP A 286 10.01 -15.24 4.42
N ASN A 287 9.35 -16.30 3.91
CA ASN A 287 7.90 -16.51 4.06
C ASN A 287 7.02 -15.59 3.22
N LEU A 288 7.60 -14.80 2.33
CA LEU A 288 6.81 -13.86 1.53
C LEU A 288 6.51 -14.25 0.09
N LEU A 289 5.29 -13.91 -0.33
CA LEU A 289 4.83 -14.06 -1.71
C LEU A 289 4.66 -12.60 -2.10
N ASN A 290 5.45 -12.14 -3.07
CA ASN A 290 5.38 -10.75 -3.53
C ASN A 290 4.85 -10.71 -4.96
N ALA A 291 3.94 -9.77 -5.24
CA ALA A 291 3.44 -9.60 -6.60
C ALA A 291 4.08 -8.30 -7.10
N TRP A 292 4.61 -8.36 -8.32
CA TRP A 292 5.34 -7.24 -8.92
C TRP A 292 4.84 -6.80 -10.27
N ARG A 293 4.87 -5.51 -10.54
CA ARG A 293 4.47 -5.00 -11.85
C ARG A 293 5.65 -5.21 -12.82
N THR A 294 5.35 -5.58 -14.05
CA THR A 294 6.36 -5.79 -15.06
C THR A 294 6.59 -4.47 -15.78
N PRO A 295 7.86 -4.08 -16.04
CA PRO A 295 9.10 -4.78 -15.70
C PRO A 295 9.83 -4.14 -14.53
N TYR A 296 9.41 -2.94 -14.13
CA TYR A 296 10.09 -2.19 -13.06
C TYR A 296 9.83 -2.62 -11.62
N GLY A 297 8.92 -3.57 -11.43
CA GLY A 297 8.68 -4.07 -10.08
C GLY A 297 7.95 -3.26 -9.03
N ALA A 298 6.88 -2.56 -9.41
CA ALA A 298 6.11 -1.83 -8.41
C ALA A 298 5.43 -2.94 -7.62
N SER A 299 5.33 -2.77 -6.29
CA SER A 299 4.72 -3.80 -5.44
C SER A 299 3.19 -3.74 -5.43
N ILE A 300 2.58 -4.69 -6.14
CA ILE A 300 1.12 -4.79 -6.26
C ILE A 300 0.43 -5.33 -5.01
N PHE A 301 1.01 -6.38 -4.43
CA PHE A 301 0.51 -6.95 -3.18
C PHE A 301 1.56 -7.87 -2.57
N GLN A 302 1.40 -8.13 -1.27
CA GLN A 302 2.32 -9.01 -0.55
C GLN A 302 1.49 -9.88 0.37
N SER A 303 1.90 -11.14 0.48
CA SER A 303 1.23 -12.10 1.36
C SER A 303 2.31 -12.78 2.19
N LYS A 304 2.18 -12.65 3.51
CA LYS A 304 3.14 -13.26 4.43
C LYS A 304 2.58 -14.61 4.89
N GLU A 305 3.26 -15.68 4.52
CA GLU A 305 2.83 -17.02 4.88
C GLU A 305 3.50 -17.45 6.18
N SER A 306 3.15 -18.64 6.66
CA SER A 306 3.68 -19.15 7.92
C SER A 306 5.09 -19.72 7.88
N SER A 307 5.59 -20.01 6.69
CA SER A 307 6.91 -20.60 6.56
C SER A 307 7.52 -20.23 5.21
N SER A 308 8.68 -20.79 4.90
CA SER A 308 9.31 -20.49 3.62
C SER A 308 8.37 -20.88 2.48
N VAL A 309 8.42 -20.12 1.39
CA VAL A 309 7.58 -20.42 0.23
C VAL A 309 8.57 -20.89 -0.82
N LEU A 310 8.51 -22.19 -1.10
CA LEU A 310 9.46 -22.85 -1.99
C LEU A 310 9.09 -22.96 -3.44
N SER A 311 7.81 -22.85 -3.73
CA SER A 311 7.36 -23.02 -5.11
C SER A 311 6.08 -22.29 -5.38
N CYS A 312 5.78 -22.10 -6.67
CA CYS A 312 4.54 -21.42 -7.05
C CYS A 312 4.16 -21.73 -8.50
N ASP A 313 2.92 -21.38 -8.81
CA ASP A 313 2.38 -21.52 -10.15
C ASP A 313 1.20 -20.56 -10.23
N ILE A 314 0.83 -20.18 -11.45
CA ILE A 314 -0.30 -19.28 -11.67
C ILE A 314 -1.14 -19.98 -12.73
N SER A 315 -2.46 -19.90 -12.61
CA SER A 315 -3.32 -20.56 -13.61
C SER A 315 -3.25 -19.89 -14.98
N VAL A 316 -3.65 -20.61 -16.03
CA VAL A 316 -3.57 -20.08 -17.39
C VAL A 316 -4.37 -18.79 -17.66
N ASP A 317 -5.36 -18.52 -16.81
CA ASP A 317 -6.17 -17.32 -16.95
C ASP A 317 -5.82 -16.26 -15.89
N ASP A 318 -4.70 -16.48 -15.19
CA ASP A 318 -4.24 -15.56 -14.16
C ASP A 318 -5.24 -15.32 -13.02
N LYS A 319 -6.08 -16.30 -12.78
CA LYS A 319 -7.09 -16.17 -11.73
C LYS A 319 -6.69 -16.82 -10.39
N TYR A 320 -5.74 -17.75 -10.43
CA TYR A 320 -5.31 -18.42 -9.21
C TYR A 320 -3.79 -18.53 -9.09
N ILE A 321 -3.32 -18.51 -7.85
CA ILE A 321 -1.91 -18.66 -7.55
C ILE A 321 -1.84 -19.78 -6.52
N VAL A 322 -0.89 -20.69 -6.69
CA VAL A 322 -0.69 -21.77 -5.72
C VAL A 322 0.75 -21.65 -5.27
N THR A 323 0.99 -21.83 -3.98
CA THR A 323 2.34 -21.77 -3.44
C THR A 323 2.61 -23.00 -2.59
N GLY A 324 3.86 -23.45 -2.60
CA GLY A 324 4.28 -24.62 -1.83
C GLY A 324 5.03 -24.10 -0.62
N SER A 325 4.78 -24.71 0.53
CA SER A 325 5.34 -24.25 1.79
C SER A 325 6.28 -25.15 2.59
N GLY A 326 7.15 -24.51 3.36
CA GLY A 326 8.06 -25.22 4.23
C GLY A 326 7.28 -25.79 5.39
N ASP A 327 6.01 -25.36 5.52
CA ASP A 327 5.14 -25.87 6.58
C ASP A 327 4.34 -27.09 6.11
N LYS A 328 4.90 -27.79 5.12
CA LYS A 328 4.34 -29.03 4.60
C LYS A 328 2.90 -28.95 4.09
N LYS A 329 2.64 -27.92 3.28
CA LYS A 329 1.31 -27.69 2.71
C LYS A 329 1.46 -26.81 1.49
N ALA A 330 0.36 -26.61 0.78
CA ALA A 330 0.32 -25.71 -0.36
C ALA A 330 -0.88 -24.82 -0.08
N THR A 331 -0.84 -23.59 -0.59
CA THR A 331 -1.91 -22.62 -0.40
C THR A 331 -2.46 -22.22 -1.76
N VAL A 332 -3.78 -22.09 -1.86
CA VAL A 332 -4.39 -21.67 -3.11
C VAL A 332 -4.95 -20.26 -2.88
N TYR A 333 -4.62 -19.34 -3.79
CA TYR A 333 -5.11 -17.99 -3.70
C TYR A 333 -5.94 -17.66 -4.93
N GLU A 334 -6.97 -16.85 -4.74
CA GLU A 334 -7.76 -16.39 -5.88
C GLU A 334 -7.27 -14.96 -6.08
N VAL A 335 -6.94 -14.61 -7.32
CA VAL A 335 -6.47 -13.28 -7.66
C VAL A 335 -7.71 -12.44 -7.93
N ILE A 336 -7.84 -11.33 -7.20
CA ILE A 336 -9.01 -10.46 -7.33
C ILE A 336 -8.65 -9.22 -8.12
N TYR A 337 -9.44 -8.92 -9.16
CA TYR A 337 -9.18 -7.75 -9.99
C TYR A 337 -10.18 -6.63 -9.72
N ASP B 1 16.32 10.79 0.97
CA ASP B 1 15.59 9.49 1.11
C ASP B 1 14.44 9.39 0.12
N TYR B 2 14.45 8.32 -0.67
CA TYR B 2 13.41 8.09 -1.66
C TYR B 2 12.41 7.06 -1.15
N PHE B 3 11.16 7.21 -1.55
CA PHE B 3 10.10 6.29 -1.13
C PHE B 3 9.30 5.88 -2.34
N GLN B 4 8.69 4.70 -2.26
CA GLN B 4 7.87 4.21 -3.37
C GLN B 4 6.57 3.62 -2.85
N GLY B 5 5.52 3.74 -3.65
CA GLY B 5 4.24 3.21 -3.22
C GLY B 5 4.20 1.70 -3.27
N ALA B 6 3.32 1.12 -2.47
CA ALA B 6 3.12 -0.32 -2.43
C ALA B 6 1.64 -0.48 -2.16
N MET B 7 0.93 -1.10 -3.09
CA MET B 7 -0.51 -1.24 -2.93
C MET B 7 -0.92 -2.23 -1.87
N GLY B 8 -1.93 -1.85 -1.11
CA GLY B 8 -2.46 -2.70 -0.06
C GLY B 8 -3.95 -2.86 -0.26
N SER B 9 -4.58 -3.56 0.67
CA SER B 9 -6.02 -3.82 0.63
C SER B 9 -6.60 -3.98 2.03
N LYS B 10 -7.85 -3.59 2.18
CA LYS B 10 -8.56 -3.67 3.46
C LYS B 10 -10.02 -3.99 3.22
N PRO B 11 -10.73 -4.50 4.23
CA PRO B 11 -12.15 -4.80 4.07
C PRO B 11 -12.85 -3.48 3.80
N ALA B 12 -13.96 -3.51 3.05
CA ALA B 12 -14.71 -2.31 2.73
C ALA B 12 -14.77 -1.34 3.91
N TYR B 13 -14.26 -0.13 3.71
CA TYR B 13 -14.24 0.89 4.76
C TYR B 13 -14.85 2.20 4.26
N SER B 14 -15.09 2.28 2.95
CA SER B 14 -15.66 3.46 2.32
C SER B 14 -17.00 3.10 1.70
N PHE B 15 -18.03 3.89 1.99
CA PHE B 15 -19.36 3.62 1.43
C PHE B 15 -20.05 4.87 0.88
N HIS B 16 -20.89 4.67 -0.13
CA HIS B 16 -21.63 5.76 -0.76
C HIS B 16 -23.10 5.67 -0.37
N VAL B 17 -23.62 6.72 0.26
CA VAL B 17 -25.02 6.74 0.68
C VAL B 17 -25.74 7.95 0.10
N MET B 23 -25.94 2.13 1.94
CA MET B 23 -24.52 1.88 2.18
C MET B 23 -23.97 0.85 1.19
N GLN B 24 -23.46 1.34 0.07
CA GLN B 24 -22.90 0.47 -0.96
C GLN B 24 -21.42 0.80 -1.18
N PRO B 25 -20.54 -0.21 -1.08
CA PRO B 25 -19.10 -0.02 -1.27
C PRO B 25 -18.82 0.84 -2.49
N VAL B 26 -17.82 1.73 -2.38
CA VAL B 26 -17.47 2.63 -3.46
C VAL B 26 -16.45 2.04 -4.44
N PRO B 27 -16.81 2.00 -5.74
CA PRO B 27 -15.92 1.46 -6.78
C PRO B 27 -14.85 2.50 -7.09
N PHE B 28 -13.74 2.43 -6.36
CA PHE B 28 -12.64 3.36 -6.52
C PHE B 28 -12.18 3.57 -7.97
N PRO B 29 -12.18 4.83 -8.43
CA PRO B 29 -11.77 5.17 -9.79
C PRO B 29 -10.26 4.93 -9.92
N PRO B 30 -9.74 4.94 -11.15
CA PRO B 30 -8.31 4.73 -11.42
C PRO B 30 -7.39 5.75 -10.74
N ASP B 31 -7.88 6.96 -10.52
CA ASP B 31 -7.08 8.01 -9.90
C ASP B 31 -7.46 8.24 -8.44
N ALA B 32 -7.99 7.20 -7.81
CA ALA B 32 -8.41 7.29 -6.41
C ALA B 32 -7.25 7.30 -5.43
N LEU B 33 -6.19 6.57 -5.77
CA LEU B 33 -5.02 6.46 -4.88
C LEU B 33 -3.72 6.93 -5.51
N ILE B 34 -3.80 7.31 -6.79
CA ILE B 34 -2.64 7.77 -7.54
C ILE B 34 -3.02 8.95 -8.42
N GLY B 35 -2.11 9.89 -8.58
CA GLY B 35 -2.39 11.04 -9.42
C GLY B 35 -1.67 12.31 -9.00
N PRO B 36 -1.60 13.30 -9.90
CA PRO B 36 -0.92 14.55 -9.57
C PRO B 36 -1.59 15.21 -8.37
N GLY B 37 -0.78 15.64 -7.40
CA GLY B 37 -1.33 16.28 -6.23
C GLY B 37 -1.78 15.29 -5.17
N ILE B 38 -1.64 14.01 -5.46
CA ILE B 38 -2.02 12.97 -4.51
C ILE B 38 -0.76 12.47 -3.81
N PRO B 39 -0.72 12.56 -2.47
CA PRO B 39 0.46 12.12 -1.72
C PRO B 39 0.78 10.65 -1.92
N ARG B 40 2.07 10.33 -1.82
CA ARG B 40 2.53 8.95 -1.92
C ARG B 40 3.04 8.50 -0.55
N HIS B 41 3.53 9.44 0.25
CA HIS B 41 4.08 9.11 1.57
C HIS B 41 4.15 10.38 2.43
N ALA B 42 4.01 10.22 3.74
CA ALA B 42 4.14 11.37 4.64
C ALA B 42 5.32 11.00 5.53
N ARG B 43 6.42 11.75 5.39
CA ARG B 43 7.62 11.46 6.18
C ARG B 43 7.72 12.34 7.41
N GLN B 44 7.90 11.74 8.58
CA GLN B 44 8.03 12.51 9.80
C GLN B 44 9.43 13.13 9.77
N ILE B 45 9.51 14.45 9.80
CA ILE B 45 10.79 15.12 9.74
C ILE B 45 11.16 15.89 11.00
N ASN B 46 10.19 16.21 11.84
CA ASN B 46 10.48 16.97 13.06
C ASN B 46 9.54 16.61 14.19
N THR B 47 10.05 16.66 15.41
CA THR B 47 9.24 16.44 16.59
C THR B 47 9.39 17.72 17.39
N LEU B 48 8.26 18.35 17.72
CA LEU B 48 8.27 19.60 18.47
C LEU B 48 7.84 19.28 19.91
N ASN B 49 8.81 19.25 20.82
CA ASN B 49 8.54 18.91 22.22
C ASN B 49 7.93 20.06 23.03
N HIS B 50 6.64 20.30 22.84
CA HIS B 50 5.93 21.38 23.55
C HIS B 50 5.94 21.21 25.07
N GLY B 51 5.65 20.01 25.55
CA GLY B 51 5.65 19.80 26.99
C GLY B 51 4.25 19.72 27.58
N GLU B 52 3.26 20.04 26.76
CA GLU B 52 1.86 19.96 27.18
C GLU B 52 1.11 19.41 25.96
N VAL B 53 -0.06 18.82 26.20
CA VAL B 53 -0.85 18.27 25.12
C VAL B 53 -1.11 19.37 24.09
N VAL B 54 -0.82 19.09 22.84
CA VAL B 54 -1.02 20.10 21.81
C VAL B 54 -2.40 20.05 21.19
N CYS B 55 -3.29 20.88 21.72
CA CYS B 55 -4.68 20.93 21.28
C CYS B 55 -4.90 21.80 20.06
N ALA B 56 -3.88 22.57 19.67
CA ALA B 56 -4.03 23.44 18.52
C ALA B 56 -2.72 23.63 17.79
N VAL B 57 -2.79 23.67 16.47
CA VAL B 57 -1.60 23.87 15.66
C VAL B 57 -1.92 24.69 14.42
N THR B 58 -1.00 25.55 14.02
CA THR B 58 -1.19 26.33 12.82
C THR B 58 0.17 26.57 12.19
N ILE B 59 0.19 26.73 10.87
CA ILE B 59 1.43 26.92 10.11
C ILE B 59 1.39 28.26 9.36
N SER B 60 2.53 28.96 9.31
CA SER B 60 2.59 30.24 8.63
C SER B 60 2.50 30.12 7.12
N ASN B 61 2.28 31.26 6.46
CA ASN B 61 2.19 31.35 5.02
C ASN B 61 2.90 32.62 4.56
N PRO B 62 4.03 32.48 3.86
CA PRO B 62 4.67 31.22 3.44
C PRO B 62 5.10 30.33 4.60
N THR B 63 5.29 29.04 4.30
CA THR B 63 5.69 28.08 5.31
C THR B 63 7.05 28.40 5.91
N ARG B 64 7.10 28.53 7.23
CA ARG B 64 8.35 28.82 7.91
C ARG B 64 8.23 28.56 9.40
N HIS B 65 7.19 29.10 10.00
CA HIS B 65 6.96 28.94 11.43
C HIS B 65 5.71 28.12 11.72
N VAL B 66 5.80 27.29 12.76
CA VAL B 66 4.67 26.48 13.19
C VAL B 66 4.32 26.98 14.59
N TYR B 67 3.04 27.04 14.90
CA TYR B 67 2.59 27.47 16.22
C TYR B 67 1.85 26.31 16.86
N THR B 68 2.25 25.97 18.07
CA THR B 68 1.61 24.89 18.82
C THR B 68 1.00 25.49 20.08
N GLY B 69 -0.24 25.12 20.36
CA GLY B 69 -0.92 25.62 21.54
C GLY B 69 -1.12 24.52 22.56
N GLY B 70 -0.58 24.71 23.76
CA GLY B 70 -0.71 23.71 24.81
C GLY B 70 -1.53 24.23 25.98
N LYS B 71 -1.00 24.12 27.18
CA LYS B 71 -1.70 24.62 28.36
C LYS B 71 -1.06 25.92 28.81
N GLY B 72 -1.76 27.03 28.58
CA GLY B 72 -1.27 28.33 28.98
C GLY B 72 -0.01 28.79 28.24
N CYS B 73 0.21 28.27 27.04
CA CYS B 73 1.40 28.66 26.30
C CYS B 73 1.40 28.23 24.83
N VAL B 74 1.73 29.18 23.95
CA VAL B 74 1.82 28.88 22.53
C VAL B 74 3.30 28.95 22.21
N LYS B 75 3.83 27.94 21.53
CA LYS B 75 5.24 27.96 21.17
C LYS B 75 5.41 28.13 19.67
N VAL B 76 6.48 28.81 19.28
CA VAL B 76 6.75 29.07 17.88
C VAL B 76 8.00 28.30 17.47
N TRP B 77 7.89 27.57 16.37
CA TRP B 77 8.98 26.74 15.88
C TRP B 77 9.38 27.13 14.47
N ASP B 78 10.68 27.17 14.20
CA ASP B 78 11.18 27.50 12.88
C ASP B 78 11.54 26.18 12.22
N ILE B 79 10.72 25.74 11.27
CA ILE B 79 10.97 24.48 10.60
C ILE B 79 11.74 24.62 9.29
N SER B 80 12.19 25.84 8.99
CA SER B 80 12.94 26.09 7.75
C SER B 80 14.44 25.94 8.01
N HIS B 81 14.78 25.22 9.07
CA HIS B 81 16.18 25.00 9.43
C HIS B 81 16.41 23.56 9.87
N LYS B 85 15.68 22.56 16.76
CA LYS B 85 14.55 21.70 17.08
C LYS B 85 13.77 22.26 18.27
N SER B 86 14.30 23.33 18.87
CA SER B 86 13.65 23.96 20.02
C SER B 86 12.89 25.21 19.58
N PRO B 87 11.95 25.69 20.40
CA PRO B 87 11.16 26.88 20.08
C PRO B 87 12.02 28.11 19.86
N VAL B 88 11.62 28.96 18.91
CA VAL B 88 12.35 30.19 18.64
C VAL B 88 11.70 31.31 19.45
N SER B 89 10.50 31.07 19.93
CA SER B 89 9.78 32.04 20.75
C SER B 89 8.57 31.36 21.40
N GLN B 90 7.92 32.07 22.32
CA GLN B 90 6.74 31.54 22.98
C GLN B 90 5.89 32.68 23.53
N LEU B 91 4.59 32.40 23.63
CA LEU B 91 3.60 33.36 24.12
C LEU B 91 2.90 32.73 25.32
N ASP B 92 3.12 33.31 26.50
CA ASP B 92 2.52 32.80 27.72
C ASP B 92 1.18 33.44 28.09
N CYS B 93 0.30 32.66 28.73
CA CYS B 93 -1.01 33.15 29.14
C CYS B 93 -0.93 33.62 30.60
N LEU B 94 -1.86 34.47 31.01
CA LEU B 94 -1.89 34.97 32.37
C LEU B 94 -1.90 33.79 33.33
N ASN B 95 -2.74 32.80 33.03
CA ASN B 95 -2.83 31.60 33.86
C ASN B 95 -2.27 30.42 33.10
N ARG B 96 -1.17 29.87 33.58
CA ARG B 96 -0.51 28.74 32.94
C ARG B 96 -1.35 27.46 33.01
N ASP B 97 -2.61 27.60 33.41
CA ASP B 97 -3.50 26.45 33.49
C ASP B 97 -4.62 26.51 32.46
N ASN B 98 -4.67 27.61 31.71
CA ASN B 98 -5.70 27.76 30.68
C ASN B 98 -5.34 26.94 29.43
N TYR B 99 -6.17 25.94 29.14
CA TYR B 99 -5.96 25.09 27.98
C TYR B 99 -6.32 25.82 26.69
N ILE B 100 -5.38 25.88 25.76
CA ILE B 100 -5.61 26.54 24.48
C ILE B 100 -6.31 25.56 23.54
N ARG B 101 -7.32 26.04 22.84
CA ARG B 101 -8.08 25.19 21.91
C ARG B 101 -7.94 25.58 20.45
N SER B 102 -7.49 26.80 20.18
CA SER B 102 -7.34 27.24 18.80
C SER B 102 -6.43 28.46 18.65
N CYS B 103 -5.78 28.56 17.50
CA CYS B 103 -4.91 29.70 17.21
C CYS B 103 -4.83 29.84 15.70
N LYS B 104 -5.13 31.05 15.23
CA LYS B 104 -5.11 31.33 13.80
C LYS B 104 -4.27 32.56 13.49
N LEU B 105 -3.53 32.49 12.39
CA LEU B 105 -2.69 33.59 11.95
C LEU B 105 -3.38 34.36 10.84
N LEU B 106 -3.09 35.65 10.73
CA LEU B 106 -3.66 36.46 9.67
C LEU B 106 -2.75 36.29 8.45
N PRO B 107 -3.28 36.51 7.23
CA PRO B 107 -2.51 36.39 5.99
C PRO B 107 -1.07 36.88 6.07
N ASP B 108 -0.89 38.11 6.55
CA ASP B 108 0.45 38.68 6.68
C ASP B 108 1.34 37.80 7.54
N GLY B 109 0.82 37.38 8.70
CA GLY B 109 1.60 36.54 9.58
C GLY B 109 2.17 37.29 10.77
N CYS B 110 1.74 38.54 10.96
CA CYS B 110 2.23 39.34 12.07
C CYS B 110 1.20 39.43 13.21
N THR B 111 0.14 38.64 13.10
CA THR B 111 -0.90 38.64 14.12
C THR B 111 -1.44 37.22 14.36
N LEU B 112 -1.51 36.83 15.63
CA LEU B 112 -2.02 35.52 16.00
C LEU B 112 -3.18 35.66 16.98
N ILE B 113 -4.28 34.98 16.70
CA ILE B 113 -5.44 35.02 17.57
C ILE B 113 -5.48 33.71 18.35
N VAL B 114 -5.50 33.80 19.67
CA VAL B 114 -5.51 32.60 20.51
C VAL B 114 -6.78 32.50 21.35
N GLY B 115 -7.45 31.36 21.26
CA GLY B 115 -8.66 31.13 22.03
C GLY B 115 -8.58 29.82 22.78
N GLY B 116 -9.31 29.70 23.88
CA GLY B 116 -9.27 28.47 24.65
C GLY B 116 -10.23 28.47 25.82
N GLU B 117 -9.93 27.68 26.85
CA GLU B 117 -10.77 27.59 28.02
C GLU B 117 -10.62 28.82 28.90
N ALA B 118 -10.96 29.97 28.34
CA ALA B 118 -10.87 31.25 29.03
C ALA B 118 -11.95 32.15 28.44
N SER B 119 -12.34 33.17 29.19
CA SER B 119 -13.36 34.11 28.75
C SER B 119 -12.79 35.26 27.94
N THR B 120 -11.68 35.01 27.23
CA THR B 120 -11.05 36.05 26.44
C THR B 120 -10.17 35.54 25.31
N LEU B 121 -10.24 36.21 24.16
CA LEU B 121 -9.45 35.86 22.99
C LEU B 121 -8.26 36.80 22.98
N SER B 122 -7.06 36.26 22.88
CA SER B 122 -5.85 37.07 22.88
C SER B 122 -5.27 37.31 21.50
N ILE B 123 -5.16 38.58 21.13
CA ILE B 123 -4.61 38.97 19.84
C ILE B 123 -3.16 39.33 20.08
N TRP B 124 -2.25 38.53 19.55
CA TRP B 124 -0.82 38.77 19.72
C TRP B 124 -0.17 39.42 18.51
N ASP B 125 0.70 40.38 18.77
CA ASP B 125 1.43 41.07 17.71
C ASP B 125 2.77 40.37 17.53
N LEU B 126 2.98 39.78 16.36
CA LEU B 126 4.21 39.06 16.05
C LEU B 126 5.19 39.89 15.23
N ALA B 127 5.37 41.14 15.61
CA ALA B 127 6.28 42.03 14.88
C ALA B 127 7.00 42.96 15.86
N PRO B 131 7.35 40.16 20.86
CA PRO B 131 5.93 39.82 20.74
C PRO B 131 5.19 39.88 22.06
N ARG B 132 4.03 40.53 22.05
CA ARG B 132 3.20 40.67 23.25
C ARG B 132 1.74 40.82 22.86
N ILE B 133 0.86 40.69 23.85
CA ILE B 133 -0.58 40.79 23.62
C ILE B 133 -0.93 42.19 23.11
N LYS B 134 -1.47 42.24 21.90
CA LYS B 134 -1.86 43.50 21.26
C LYS B 134 -3.20 43.98 21.81
N ALA B 135 -4.09 43.03 22.08
CA ALA B 135 -5.42 43.34 22.60
C ALA B 135 -6.10 42.08 23.09
N GLU B 136 -7.18 42.25 23.84
CA GLU B 136 -7.94 41.12 24.36
C GLU B 136 -9.42 41.32 24.10
N LEU B 137 -10.07 40.28 23.58
CA LEU B 137 -11.48 40.31 23.27
C LEU B 137 -12.23 39.47 24.31
N THR B 138 -12.86 40.13 25.27
CA THR B 138 -13.58 39.44 26.33
C THR B 138 -15.02 39.10 25.94
N SER B 139 -15.45 37.89 26.26
CA SER B 139 -16.80 37.46 25.95
C SER B 139 -17.48 36.88 27.17
N SER B 140 -18.80 36.90 27.17
CA SER B 140 -19.58 36.36 28.30
C SER B 140 -19.49 34.84 28.31
N ALA B 141 -19.18 34.27 27.16
CA ALA B 141 -19.07 32.81 27.04
C ALA B 141 -17.89 32.29 27.86
N PRO B 142 -18.07 31.12 28.50
CA PRO B 142 -17.05 30.48 29.33
C PRO B 142 -15.71 30.19 28.62
N ALA B 143 -15.79 29.72 27.38
CA ALA B 143 -14.58 29.40 26.63
C ALA B 143 -14.77 29.34 25.12
N CYS B 144 -13.64 29.32 24.42
CA CYS B 144 -13.61 29.25 22.96
C CYS B 144 -13.09 27.88 22.54
N TYR B 145 -13.83 27.20 21.67
CA TYR B 145 -13.44 25.88 21.21
C TYR B 145 -12.86 25.86 19.79
N ALA B 146 -13.14 26.90 19.02
CA ALA B 146 -12.63 26.98 17.65
C ALA B 146 -12.70 28.40 17.09
N LEU B 147 -11.79 28.72 16.19
CA LEU B 147 -11.74 30.04 15.57
C LEU B 147 -11.69 29.91 14.06
N ALA B 148 -12.20 30.92 13.38
CA ALA B 148 -12.20 30.97 11.92
C ALA B 148 -12.04 32.42 11.51
N ILE B 149 -11.15 32.67 10.55
CA ILE B 149 -10.91 34.02 10.05
C ILE B 149 -11.55 34.17 8.68
N SER B 150 -12.17 35.32 8.44
CA SER B 150 -12.81 35.57 7.15
C SER B 150 -11.75 35.81 6.09
N PRO B 151 -12.09 35.54 4.81
CA PRO B 151 -11.15 35.72 3.69
C PRO B 151 -10.53 37.11 3.65
N ASP B 152 -11.32 38.14 3.93
CA ASP B 152 -10.82 39.51 3.93
C ASP B 152 -9.97 39.80 5.16
N SER B 153 -9.89 38.81 6.05
CA SER B 153 -9.09 38.91 7.27
C SER B 153 -9.52 40.05 8.19
N LYS B 154 -10.75 40.51 8.05
CA LYS B 154 -11.22 41.60 8.88
C LYS B 154 -12.16 41.13 9.99
N VAL B 155 -12.62 39.88 9.87
CA VAL B 155 -13.54 39.32 10.86
C VAL B 155 -13.06 37.98 11.41
N CYS B 156 -13.33 37.74 12.69
CA CYS B 156 -12.95 36.47 13.32
C CYS B 156 -14.19 35.84 13.93
N PHE B 157 -14.44 34.58 13.56
CA PHE B 157 -15.59 33.85 14.09
C PHE B 157 -15.09 32.96 15.21
N SER B 158 -15.78 33.00 16.35
CA SER B 158 -15.38 32.20 17.49
C SER B 158 -16.50 31.28 17.96
N CYS B 159 -16.17 30.01 18.14
CA CYS B 159 -17.12 29.01 18.61
C CYS B 159 -17.07 29.01 20.13
N CYS B 160 -18.14 29.47 20.77
CA CYS B 160 -18.21 29.55 22.21
C CYS B 160 -18.72 28.28 22.88
N SER B 161 -18.27 28.04 24.10
CA SER B 161 -18.68 26.87 24.86
C SER B 161 -20.16 26.90 25.22
N ASP B 162 -20.81 28.04 25.00
CA ASP B 162 -22.23 28.18 25.31
C ASP B 162 -23.08 27.87 24.09
N GLY B 163 -22.41 27.60 22.96
CA GLY B 163 -23.13 27.28 21.74
C GLY B 163 -23.21 28.41 20.73
N ASN B 164 -22.98 29.64 21.19
CA ASN B 164 -23.07 30.80 20.30
C ASN B 164 -21.81 31.00 19.46
N ILE B 165 -22.00 31.59 18.28
CA ILE B 165 -20.90 31.88 17.37
C ILE B 165 -20.68 33.39 17.40
N ALA B 166 -19.64 33.82 18.11
CA ALA B 166 -19.33 35.24 18.23
C ALA B 166 -18.55 35.75 17.03
N VAL B 167 -18.98 36.89 16.49
CA VAL B 167 -18.33 37.51 15.35
C VAL B 167 -17.60 38.76 15.82
N TRP B 168 -16.27 38.76 15.68
CA TRP B 168 -15.47 39.88 16.12
C TRP B 168 -14.84 40.70 15.01
N ASP B 169 -14.92 42.02 15.13
CA ASP B 169 -14.32 42.94 14.17
C ASP B 169 -12.89 43.08 14.73
N LEU B 170 -11.93 42.50 14.03
CA LEU B 170 -10.53 42.55 14.47
C LEU B 170 -9.92 43.92 14.65
N HIS B 171 -10.01 44.75 13.62
CA HIS B 171 -9.45 46.10 13.68
C HIS B 171 -10.05 46.94 14.80
N ASN B 172 -11.37 46.95 14.90
CA ASN B 172 -12.06 47.73 15.94
C ASN B 172 -12.08 46.98 17.27
N GLN B 173 -11.73 45.70 17.24
CA GLN B 173 -11.69 44.89 18.45
C GLN B 173 -13.03 44.94 19.18
N THR B 174 -14.11 44.68 18.45
CA THR B 174 -15.42 44.73 19.06
C THR B 174 -16.35 43.63 18.54
N LEU B 175 -17.23 43.15 19.41
CA LEU B 175 -18.19 42.12 19.06
C LEU B 175 -19.29 42.77 18.23
N VAL B 176 -19.42 42.35 16.97
CA VAL B 176 -20.43 42.92 16.08
C VAL B 176 -21.74 42.16 15.95
N ARG B 177 -21.73 40.86 16.25
CA ARG B 177 -22.95 40.06 16.17
C ARG B 177 -22.72 38.62 16.63
N GLN B 178 -23.80 37.85 16.69
CA GLN B 178 -23.72 36.46 17.13
C GLN B 178 -24.71 35.56 16.39
N PHE B 179 -24.32 34.29 16.22
CA PHE B 179 -25.18 33.31 15.58
C PHE B 179 -25.52 32.28 16.66
N GLN B 180 -26.71 32.37 17.21
CA GLN B 180 -27.14 31.47 18.27
C GLN B 180 -27.98 30.31 17.76
N GLY B 181 -27.89 29.17 18.45
CA GLY B 181 -28.65 28.00 18.05
C GLY B 181 -28.19 26.72 18.73
N HIS B 182 -26.88 26.50 18.77
CA HIS B 182 -26.33 25.29 19.40
C HIS B 182 -26.72 25.15 20.86
N THR B 183 -27.39 24.05 21.18
CA THR B 183 -27.82 23.77 22.55
C THR B 183 -26.58 23.61 23.42
N ASP B 184 -25.50 23.11 22.82
CA ASP B 184 -24.24 22.91 23.51
C ASP B 184 -23.15 23.66 22.75
N GLY B 185 -22.07 24.00 23.44
CA GLY B 185 -20.98 24.73 22.81
C GLY B 185 -20.53 24.18 21.46
N ALA B 186 -20.23 25.09 20.54
CA ALA B 186 -19.76 24.72 19.20
C ALA B 186 -18.30 24.32 19.34
N SER B 187 -17.92 23.23 18.67
CA SER B 187 -16.56 22.72 18.75
C SER B 187 -15.71 22.91 17.49
N CYS B 188 -16.36 23.18 16.36
CA CYS B 188 -15.63 23.35 15.10
C CYS B 188 -16.34 24.28 14.12
N ILE B 189 -15.59 24.79 13.15
CA ILE B 189 -16.13 25.73 12.19
C ILE B 189 -15.27 25.87 10.93
N ASP B 190 -15.90 26.34 9.85
CA ASP B 190 -15.19 26.56 8.60
C ASP B 190 -16.08 27.40 7.68
N ILE B 191 -15.47 28.05 6.70
CA ILE B 191 -16.21 28.89 5.77
C ILE B 191 -16.19 28.31 4.37
N SER B 192 -17.36 28.25 3.74
CA SER B 192 -17.48 27.73 2.38
C SER B 192 -16.50 28.43 1.43
N ASN B 193 -16.13 27.75 0.35
CA ASN B 193 -15.18 28.29 -0.61
C ASN B 193 -15.58 29.63 -1.20
N ASP B 194 -16.87 29.93 -1.22
CA ASP B 194 -17.36 31.19 -1.75
C ASP B 194 -17.24 32.29 -0.69
N GLY B 195 -17.16 31.88 0.57
CA GLY B 195 -17.03 32.83 1.66
C GLY B 195 -18.30 33.54 2.05
N THR B 196 -19.44 32.95 1.72
CA THR B 196 -20.73 33.55 2.05
C THR B 196 -21.54 32.68 3.02
N LYS B 197 -21.07 31.47 3.27
CA LYS B 197 -21.75 30.55 4.18
C LYS B 197 -20.82 30.08 5.29
N LEU B 198 -21.39 29.85 6.47
CA LEU B 198 -20.61 29.39 7.61
C LEU B 198 -21.15 28.05 8.09
N TRP B 199 -20.24 27.11 8.35
CA TRP B 199 -20.63 25.78 8.82
C TRP B 199 -20.00 25.52 10.18
N THR B 200 -20.81 25.05 11.13
CA THR B 200 -20.34 24.75 12.49
C THR B 200 -20.86 23.43 13.04
N GLY B 201 -20.18 22.93 14.07
CA GLY B 201 -20.57 21.68 14.71
C GLY B 201 -20.55 21.87 16.22
N GLY B 202 -21.46 21.20 16.92
CA GLY B 202 -21.51 21.35 18.37
C GLY B 202 -21.52 20.08 19.19
N LEU B 203 -21.20 20.22 20.47
CA LEU B 203 -21.18 19.08 21.38
C LEU B 203 -22.60 18.58 21.61
N ASP B 204 -23.57 19.24 21.00
CA ASP B 204 -24.97 18.87 21.13
C ASP B 204 -25.33 17.86 20.04
N ASN B 205 -24.31 17.20 19.50
CA ASN B 205 -24.47 16.19 18.46
C ASN B 205 -25.09 16.77 17.18
N THR B 206 -24.83 18.04 16.91
CA THR B 206 -25.41 18.66 15.72
C THR B 206 -24.41 19.45 14.86
N VAL B 207 -24.76 19.58 13.59
CA VAL B 207 -23.95 20.33 12.63
C VAL B 207 -24.92 21.31 11.98
N ARG B 208 -24.59 22.59 11.99
CA ARG B 208 -25.48 23.59 11.42
C ARG B 208 -24.78 24.52 10.45
N SER B 209 -25.56 25.14 9.57
CA SER B 209 -25.04 26.07 8.58
C SER B 209 -25.67 27.44 8.83
N TRP B 210 -24.92 28.50 8.55
CA TRP B 210 -25.41 29.85 8.76
C TRP B 210 -25.12 30.74 7.56
N ASP B 211 -25.82 31.88 7.48
CA ASP B 211 -25.62 32.82 6.38
C ASP B 211 -24.84 34.03 6.89
N LEU B 212 -23.79 34.41 6.17
CA LEU B 212 -22.96 35.54 6.57
C LEU B 212 -23.59 36.90 6.22
N ARG B 213 -24.91 36.90 6.04
CA ARG B 213 -25.62 38.14 5.73
C ARG B 213 -26.93 38.20 6.48
N GLU B 214 -27.75 37.17 6.33
CA GLU B 214 -29.03 37.11 7.01
C GLU B 214 -28.77 37.08 8.52
N GLY B 215 -27.87 36.19 8.94
CA GLY B 215 -27.53 36.11 10.34
C GLY B 215 -28.09 34.93 11.12
N ARG B 216 -28.82 34.05 10.46
CA ARG B 216 -29.37 32.89 11.16
C ARG B 216 -29.19 31.53 10.48
N GLN B 217 -29.41 30.48 11.29
CA GLN B 217 -29.28 29.10 10.86
C GLN B 217 -30.07 28.78 9.60
N LEU B 218 -29.57 27.85 8.81
CA LEU B 218 -30.22 27.44 7.57
C LEU B 218 -30.52 25.94 7.62
N GLN B 219 -29.46 25.16 7.72
CA GLN B 219 -29.58 23.70 7.77
C GLN B 219 -29.30 23.14 9.15
N GLN B 220 -29.81 21.93 9.40
CA GLN B 220 -29.64 21.24 10.68
C GLN B 220 -29.55 19.74 10.41
N HIS B 221 -28.42 19.14 10.75
CA HIS B 221 -28.24 17.71 10.53
C HIS B 221 -28.33 16.87 11.80
N ASP B 222 -28.60 15.58 11.64
CA ASP B 222 -28.76 14.68 12.76
C ASP B 222 -27.59 13.72 12.94
N PHE B 223 -27.14 13.57 14.18
CA PHE B 223 -26.04 12.67 14.51
C PHE B 223 -26.22 12.10 15.91
N THR B 224 -25.81 10.85 16.09
CA THR B 224 -25.95 10.17 17.37
C THR B 224 -24.77 10.43 18.31
N SER B 225 -23.77 11.16 17.82
CA SER B 225 -22.60 11.47 18.63
C SER B 225 -22.19 12.92 18.45
N GLN B 226 -21.42 13.44 19.42
CA GLN B 226 -20.96 14.81 19.37
C GLN B 226 -19.98 15.00 18.21
N ILE B 227 -20.14 16.08 17.45
CA ILE B 227 -19.25 16.37 16.34
C ILE B 227 -18.05 17.11 16.89
N PHE B 228 -16.85 16.67 16.52
CA PHE B 228 -15.62 17.27 17.02
C PHE B 228 -14.82 18.04 15.97
N SER B 229 -15.04 17.73 14.70
CA SER B 229 -14.32 18.40 13.63
C SER B 229 -15.11 18.55 12.33
N LEU B 230 -14.71 19.52 11.52
CA LEU B 230 -15.37 19.81 10.25
C LEU B 230 -14.42 20.48 9.27
N GLY B 231 -14.67 20.29 7.98
CA GLY B 231 -13.84 20.88 6.95
C GLY B 231 -14.56 21.06 5.62
N TYR B 232 -14.41 22.22 5.01
CA TYR B 232 -15.05 22.50 3.72
C TYR B 232 -14.01 22.43 2.60
N CYS B 233 -14.28 21.61 1.59
CA CYS B 233 -13.36 21.45 0.47
C CYS B 233 -13.06 22.79 -0.20
N PRO B 234 -11.78 23.18 -0.28
CA PRO B 234 -11.34 24.44 -0.90
C PRO B 234 -11.92 24.66 -2.29
N THR B 235 -11.81 23.66 -3.15
CA THR B 235 -12.34 23.77 -4.51
C THR B 235 -13.87 23.74 -4.45
N GLY B 236 -14.38 23.55 -3.24
CA GLY B 236 -15.81 23.54 -3.02
C GLY B 236 -16.53 22.24 -3.32
N GLU B 237 -17.85 22.30 -3.18
CA GLU B 237 -18.74 21.18 -3.42
C GLU B 237 -18.82 20.13 -2.32
N TRP B 238 -17.76 19.97 -1.53
CA TRP B 238 -17.77 18.95 -0.47
C TRP B 238 -17.46 19.45 0.94
N LEU B 239 -18.04 18.78 1.93
CA LEU B 239 -17.85 19.11 3.34
C LEU B 239 -17.62 17.85 4.16
N ALA B 240 -16.46 17.74 4.79
CA ALA B 240 -16.13 16.57 5.61
C ALA B 240 -16.41 16.83 7.09
N VAL B 241 -16.93 15.82 7.77
CA VAL B 241 -17.27 15.93 9.19
C VAL B 241 -16.76 14.75 10.01
N GLY B 242 -16.23 15.05 11.19
CA GLY B 242 -15.71 14.01 12.07
C GLY B 242 -16.56 13.93 13.33
N MET B 243 -16.97 12.73 13.72
CA MET B 243 -17.80 12.57 14.91
C MET B 243 -17.16 11.85 16.10
N GLU B 244 -17.83 11.96 17.23
CA GLU B 244 -17.41 11.35 18.49
C GLU B 244 -17.29 9.84 18.29
N SER B 245 -18.10 9.33 17.37
CA SER B 245 -18.10 7.91 17.06
C SER B 245 -16.72 7.52 16.54
N SER B 246 -16.54 7.63 15.23
CA SER B 246 -15.27 7.28 14.59
C SER B 246 -15.45 7.39 13.08
N ASN B 247 -16.64 7.77 12.66
CA ASN B 247 -16.93 7.91 11.23
C ASN B 247 -16.56 9.28 10.70
N VAL B 248 -16.34 9.33 9.38
CA VAL B 248 -16.01 10.57 8.69
C VAL B 248 -16.94 10.61 7.48
N GLU B 249 -17.66 11.71 7.31
CA GLU B 249 -18.59 11.83 6.18
C GLU B 249 -18.34 13.05 5.30
N VAL B 250 -18.42 12.83 3.99
CA VAL B 250 -18.20 13.90 3.02
C VAL B 250 -19.55 14.24 2.38
N LEU B 251 -20.12 15.38 2.77
CA LEU B 251 -21.40 15.81 2.25
C LEU B 251 -21.29 16.59 0.94
N HIS B 252 -22.23 16.34 0.03
CA HIS B 252 -22.24 17.00 -1.26
C HIS B 252 -22.93 18.35 -1.16
N LYS B 255 -27.97 18.57 0.28
CA LYS B 255 -28.15 17.61 -0.80
C LYS B 255 -27.97 16.18 -0.31
N PRO B 256 -28.55 15.24 -1.04
CA PRO B 256 -28.42 13.84 -0.66
C PRO B 256 -27.13 13.30 -1.25
N ASP B 257 -26.95 11.99 -1.24
CA ASP B 257 -25.75 11.39 -1.78
C ASP B 257 -24.50 11.91 -1.06
N LYS B 258 -24.02 11.12 -0.11
CA LYS B 258 -22.83 11.47 0.65
C LYS B 258 -21.98 10.21 0.79
N TYR B 259 -20.83 10.34 1.41
CA TYR B 259 -19.94 9.20 1.61
C TYR B 259 -19.67 9.02 3.09
N GLN B 260 -19.47 7.77 3.50
CA GLN B 260 -19.18 7.44 4.89
C GLN B 260 -17.88 6.63 4.92
N LEU B 261 -16.94 7.06 5.76
CA LEU B 261 -15.63 6.41 5.87
C LEU B 261 -15.37 5.81 7.25
N HIS B 262 -14.84 4.58 7.27
CA HIS B 262 -14.57 3.88 8.51
C HIS B 262 -13.15 3.33 8.66
N LEU B 263 -12.27 4.09 9.32
CA LEU B 263 -10.90 3.65 9.55
C LEU B 263 -10.35 4.16 10.88
N HIS B 264 -11.24 4.64 11.73
CA HIS B 264 -10.88 5.13 13.05
C HIS B 264 -11.55 4.23 14.09
N GLU B 265 -10.85 3.95 15.18
CA GLU B 265 -11.39 3.10 16.23
C GLU B 265 -11.92 3.95 17.38
N SER B 266 -11.68 5.25 17.31
CA SER B 266 -12.14 6.17 18.36
C SER B 266 -12.59 7.51 17.78
N CYS B 267 -12.86 8.47 18.65
CA CYS B 267 -13.32 9.80 18.24
C CYS B 267 -12.42 10.45 17.21
N VAL B 268 -13.02 11.15 16.24
CA VAL B 268 -12.30 11.86 15.20
C VAL B 268 -12.15 13.29 15.72
N LEU B 269 -11.01 13.57 16.35
CA LEU B 269 -10.74 14.86 16.96
C LEU B 269 -10.50 16.05 16.03
N SER B 270 -9.85 15.82 14.90
CA SER B 270 -9.60 16.93 13.98
C SER B 270 -9.57 16.48 12.52
N LEU B 271 -9.76 17.44 11.63
CA LEU B 271 -9.78 17.16 10.20
C LEU B 271 -9.35 18.41 9.44
N LYS B 272 -8.72 18.20 8.29
CA LYS B 272 -8.26 19.33 7.48
C LYS B 272 -8.11 18.95 6.01
N PHE B 273 -8.69 19.77 5.14
CA PHE B 273 -8.57 19.53 3.71
C PHE B 273 -7.26 20.11 3.20
N ALA B 274 -6.69 19.47 2.18
CA ALA B 274 -5.47 19.97 1.57
C ALA B 274 -6.00 21.17 0.80
N TYR B 275 -5.16 22.18 0.56
CA TYR B 275 -5.63 23.36 -0.16
C TYR B 275 -6.05 23.11 -1.60
N CYS B 276 -5.47 22.09 -2.24
CA CYS B 276 -5.84 21.78 -3.62
C CYS B 276 -7.20 21.09 -3.55
N GLY B 277 -7.56 20.67 -2.35
CA GLY B 277 -8.85 20.01 -2.12
C GLY B 277 -8.98 18.57 -2.60
N LYS B 278 -7.98 18.05 -3.29
CA LYS B 278 -8.02 16.69 -3.81
C LYS B 278 -7.97 15.61 -2.74
N TRP B 279 -7.52 15.98 -1.54
CA TRP B 279 -7.45 15.02 -0.44
C TRP B 279 -7.54 15.76 0.88
N PHE B 280 -7.69 15.02 1.97
CA PHE B 280 -7.77 15.64 3.29
C PHE B 280 -7.33 14.65 4.35
N VAL B 281 -7.14 15.12 5.57
CA VAL B 281 -6.71 14.24 6.65
C VAL B 281 -7.64 14.32 7.85
N SER B 282 -7.63 13.27 8.66
CA SER B 282 -8.42 13.24 9.89
C SER B 282 -7.53 12.64 10.97
N THR B 283 -7.75 13.05 12.22
CA THR B 283 -6.98 12.54 13.33
C THR B 283 -7.92 11.97 14.37
N GLY B 284 -7.44 11.01 15.14
CA GLY B 284 -8.29 10.41 16.14
C GLY B 284 -7.62 10.08 17.47
N LYS B 285 -8.46 9.82 18.46
CA LYS B 285 -7.99 9.48 19.79
C LYS B 285 -7.31 8.11 19.73
N ASP B 286 -7.52 7.42 18.61
CA ASP B 286 -6.93 6.10 18.39
C ASP B 286 -5.51 6.16 17.85
N ASN B 287 -4.88 7.33 18.01
CA ASN B 287 -3.50 7.58 17.60
C ASN B 287 -3.25 7.59 16.08
N LEU B 288 -4.31 7.64 15.29
CA LEU B 288 -4.13 7.62 13.85
C LEU B 288 -4.33 8.92 13.08
N LEU B 289 -3.47 9.10 12.08
CA LEU B 289 -3.56 10.23 11.16
C LEU B 289 -3.91 9.51 9.86
N ASN B 290 -5.12 9.72 9.37
CA ASN B 290 -5.57 9.09 8.12
C ASN B 290 -5.68 10.12 7.00
N ALA B 291 -5.23 9.75 5.81
CA ALA B 291 -5.32 10.64 4.65
C ALA B 291 -6.35 10.03 3.71
N TRP B 292 -7.29 10.86 3.27
CA TRP B 292 -8.39 10.42 2.41
C TRP B 292 -8.50 11.18 1.09
N ARG B 293 -8.91 10.47 0.04
CA ARG B 293 -9.09 11.06 -1.28
C ARG B 293 -10.46 11.73 -1.33
N THR B 294 -10.54 12.92 -1.93
CA THR B 294 -11.81 13.62 -2.04
C THR B 294 -12.53 13.11 -3.29
N PRO B 295 -13.82 12.77 -3.17
CA PRO B 295 -14.66 12.83 -1.97
C PRO B 295 -15.04 11.47 -1.39
N TYR B 296 -14.88 10.41 -2.18
CA TYR B 296 -15.24 9.06 -1.76
C TYR B 296 -14.45 8.45 -0.61
N GLY B 297 -13.31 9.03 -0.27
CA GLY B 297 -12.54 8.52 0.86
C GLY B 297 -11.63 7.32 0.68
N ALA B 298 -10.93 7.23 -0.45
CA ALA B 298 -9.99 6.12 -0.64
C ALA B 298 -8.84 6.43 0.32
N SER B 299 -8.28 5.41 0.97
CA SER B 299 -7.18 5.61 1.93
C SER B 299 -5.83 5.79 1.25
N ILE B 300 -5.35 7.03 1.23
CA ILE B 300 -4.08 7.37 0.60
C ILE B 300 -2.86 6.98 1.45
N PHE B 301 -2.98 7.16 2.76
CA PHE B 301 -1.92 6.77 3.69
C PHE B 301 -2.43 6.81 5.11
N GLN B 302 -1.74 6.10 6.00
CA GLN B 302 -2.09 6.07 7.41
C GLN B 302 -0.81 6.15 8.21
N SER B 303 -0.85 6.93 9.29
CA SER B 303 0.30 7.06 10.16
C SER B 303 -0.13 6.84 11.60
N LYS B 304 0.49 5.85 12.24
CA LYS B 304 0.17 5.53 13.62
C LYS B 304 1.15 6.25 14.55
N GLU B 305 0.65 7.21 15.32
CA GLU B 305 1.49 7.95 16.26
C GLU B 305 1.51 7.28 17.64
N SER B 306 2.30 7.84 18.54
CA SER B 306 2.44 7.28 19.89
C SER B 306 1.26 7.54 20.83
N SER B 307 0.46 8.56 20.54
CA SER B 307 -0.67 8.91 21.40
C SER B 307 -1.83 9.52 20.60
N SER B 308 -2.85 9.98 21.32
CA SER B 308 -4.01 10.60 20.69
C SER B 308 -3.53 11.77 19.82
N VAL B 309 -4.19 11.98 18.69
CA VAL B 309 -3.84 13.09 17.80
C VAL B 309 -5.03 14.04 17.89
N LEU B 310 -4.86 15.12 18.65
CA LEU B 310 -5.95 16.07 18.88
C LEU B 310 -6.11 17.22 17.90
N SER B 311 -5.09 17.50 17.11
CA SER B 311 -5.16 18.63 16.20
C SER B 311 -4.28 18.43 14.97
N CYS B 312 -4.54 19.23 13.93
CA CYS B 312 -3.75 19.13 12.71
C CYS B 312 -3.90 20.37 11.86
N ASP B 313 -2.97 20.52 10.93
CA ASP B 313 -2.99 21.61 9.98
C ASP B 313 -2.15 21.17 8.80
N ILE B 314 -2.46 21.74 7.65
CA ILE B 314 -1.73 21.46 6.42
C ILE B 314 -1.28 22.83 5.93
N SER B 315 -0.06 22.93 5.43
CA SER B 315 0.46 24.20 4.95
C SER B 315 -0.26 24.62 3.66
N VAL B 316 -0.30 25.92 3.38
CA VAL B 316 -0.99 26.41 2.19
C VAL B 316 -0.45 25.85 0.88
N ASP B 317 0.81 25.44 0.89
CA ASP B 317 1.46 24.86 -0.27
C ASP B 317 1.31 23.34 -0.33
N ASP B 318 0.52 22.79 0.60
CA ASP B 318 0.25 21.36 0.73
C ASP B 318 1.51 20.50 0.84
N LYS B 319 2.61 21.11 1.28
CA LYS B 319 3.87 20.39 1.42
C LYS B 319 4.09 19.80 2.80
N TYR B 320 3.41 20.33 3.81
CA TYR B 320 3.59 19.84 5.17
C TYR B 320 2.32 19.63 5.95
N ILE B 321 2.37 18.65 6.85
CA ILE B 321 1.24 18.38 7.74
C ILE B 321 1.83 18.44 9.16
N VAL B 322 1.11 19.06 10.08
CA VAL B 322 1.55 19.14 11.47
C VAL B 322 0.43 18.60 12.31
N THR B 323 0.77 17.73 13.26
CA THR B 323 -0.23 17.16 14.14
C THR B 323 0.12 17.44 15.60
N GLY B 324 -0.92 17.60 16.42
CA GLY B 324 -0.72 17.84 17.85
C GLY B 324 -1.02 16.53 18.55
N SER B 325 -0.20 16.17 19.54
CA SER B 325 -0.33 14.89 20.23
C SER B 325 -0.61 14.88 21.72
N GLY B 326 -1.20 13.78 22.16
CA GLY B 326 -1.49 13.59 23.57
C GLY B 326 -0.21 13.30 24.34
N ASP B 327 0.88 13.07 23.61
CA ASP B 327 2.18 12.82 24.25
C ASP B 327 2.95 14.13 24.45
N LYS B 328 2.22 15.23 24.55
CA LYS B 328 2.81 16.55 24.77
C LYS B 328 3.84 16.97 23.74
N LYS B 329 3.49 16.81 22.47
CA LYS B 329 4.38 17.17 21.37
C LYS B 329 3.57 17.39 20.11
N ALA B 330 4.25 17.86 19.07
CA ALA B 330 3.64 18.05 17.77
C ALA B 330 4.61 17.36 16.82
N THR B 331 4.09 16.89 15.70
CA THR B 331 4.93 16.19 14.72
C THR B 331 4.80 16.91 13.38
N VAL B 332 5.94 17.09 12.72
CA VAL B 332 5.95 17.74 11.41
C VAL B 332 6.21 16.68 10.36
N TYR B 333 5.33 16.60 9.36
CA TYR B 333 5.47 15.64 8.28
C TYR B 333 5.70 16.36 6.98
N GLU B 334 6.61 15.82 6.16
CA GLU B 334 6.83 16.38 4.84
C GLU B 334 5.99 15.47 3.94
N VAL B 335 5.13 16.06 3.12
CA VAL B 335 4.29 15.28 2.19
C VAL B 335 5.12 14.98 0.96
N ILE B 336 5.28 13.69 0.64
CA ILE B 336 6.07 13.26 -0.52
C ILE B 336 5.16 12.96 -1.71
N TYR B 337 5.34 13.68 -2.81
CA TYR B 337 4.52 13.46 -3.99
C TYR B 337 5.25 12.62 -5.04
#